data_3IG2
#
_entry.id   3IG2
#
_cell.length_a   48.496
_cell.length_b   60.335
_cell.length_c   78.805
_cell.angle_alpha   99.040
_cell.angle_beta   100.370
_cell.angle_gamma   105.080
#
_symmetry.space_group_name_H-M   'P 1'
#
loop_
_entity.id
_entity.type
_entity.pdbx_description
1 polymer 'Phenylalanyl-tRNA synthetase beta chain'
2 non-polymer 'MAGNESIUM ION'
3 water water
#
_entity_poly.entity_id   1
_entity_poly.type   'polypeptide(L)'
_entity_poly.pdbx_seq_one_letter_code
;SNADKSNKLQNLVAEQLVGCGFNEILNNSLTRAAYYDGLESYPSKNLV(MSE)LLNPLSADLNC(MSE)RQTLLFGGLES
IAHNANRKNADLKFFEFGNCYHFDAEKKNPEKVLAPYSEDYHLGLWVTGK(MSE)VSNSWAHADENTSVYELKAYVENIF
KRLGLDLHSLVVGNLSDDIYSTALTVNTKGGKRLATFGVVTKK(MSE)LKAFDVDNEVYYADLNWKEL(MSE)
;
_entity_poly.pdbx_strand_id   A,B,C,D
#
# COMPACT_ATOMS: atom_id res chain seq x y z
N ASP A 4 3.13 -14.36 -4.97
CA ASP A 4 2.06 -13.88 -5.90
C ASP A 4 1.32 -12.67 -5.30
N LYS A 5 0.37 -12.94 -4.41
CA LYS A 5 -0.30 -11.90 -3.60
C LYS A 5 0.69 -11.22 -2.66
N SER A 6 1.66 -11.99 -2.17
CA SER A 6 2.71 -11.46 -1.29
C SER A 6 3.43 -10.27 -1.92
N ASN A 7 3.92 -10.47 -3.14
CA ASN A 7 4.73 -9.44 -3.80
C ASN A 7 4.04 -8.09 -3.98
N LYS A 8 2.79 -8.14 -4.47
CA LYS A 8 2.00 -6.91 -4.66
C LYS A 8 1.79 -6.19 -3.32
N LEU A 9 1.35 -6.94 -2.32
CA LEU A 9 1.10 -6.41 -0.97
C LEU A 9 2.37 -5.80 -0.33
N GLN A 10 3.52 -6.47 -0.51
CA GLN A 10 4.79 -5.93 0.01
C GLN A 10 5.03 -4.56 -0.57
N ASN A 11 4.89 -4.49 -1.88
CA ASN A 11 4.96 -3.22 -2.55
C ASN A 11 3.97 -2.19 -2.03
N LEU A 12 2.70 -2.58 -1.93
CA LEU A 12 1.67 -1.63 -1.46
C LEU A 12 2.01 -1.17 -0.05
N VAL A 13 2.48 -2.10 0.79
CA VAL A 13 2.86 -1.78 2.17
C VAL A 13 4.12 -0.88 2.23
N ALA A 14 5.16 -1.22 1.45
CA ALA A 14 6.33 -0.34 1.33
C ALA A 14 5.95 1.11 0.96
N GLU A 15 5.08 1.26 -0.04
CA GLU A 15 4.64 2.60 -0.49
C GLU A 15 3.93 3.34 0.64
N GLN A 16 2.96 2.67 1.26
CA GLN A 16 2.24 3.25 2.36
C GLN A 16 3.18 3.69 3.48
N LEU A 17 4.21 2.89 3.74
CA LEU A 17 5.12 3.21 4.83
C LEU A 17 6.01 4.39 4.46
N VAL A 18 6.45 4.44 3.21
CA VAL A 18 7.23 5.59 2.73
C VAL A 18 6.41 6.88 2.85
N GLY A 19 5.14 6.81 2.48
CA GLY A 19 4.21 7.94 2.62
C GLY A 19 4.09 8.44 4.05
N CYS A 20 4.34 7.56 5.02
CA CYS A 20 4.31 7.92 6.44
C CYS A 20 5.70 8.30 6.94
N GLY A 21 6.62 8.45 5.99
CA GLY A 21 7.97 8.88 6.29
C GLY A 21 8.90 7.78 6.73
N PHE A 22 8.59 6.54 6.38
CA PHE A 22 9.51 5.43 6.67
C PHE A 22 10.55 5.31 5.57
N ASN A 23 11.75 4.86 5.93
CA ASN A 23 12.75 4.50 4.96
C ASN A 23 12.97 2.99 5.03
N GLU A 24 13.15 2.36 3.89
CA GLU A 24 13.38 0.94 3.89
C GLU A 24 14.86 0.64 4.19
N ILE A 25 15.11 -0.37 5.03
CA ILE A 25 16.47 -0.82 5.27
C ILE A 25 16.63 -2.29 4.89
N LEU A 26 17.89 -2.66 4.65
CA LEU A 26 18.25 -3.99 4.29
C LEU A 26 19.42 -4.31 5.20
N ASN A 27 19.25 -5.36 6.00
CA ASN A 27 20.31 -5.79 6.87
C ASN A 27 20.71 -7.23 6.51
N ASN A 28 21.95 -7.60 6.81
CA ASN A 28 22.51 -8.93 6.52
C ASN A 28 21.80 -10.01 7.32
N SER A 29 21.51 -11.12 6.67
CA SER A 29 20.88 -12.21 7.40
C SER A 29 21.92 -12.92 8.30
N LEU A 30 23.20 -12.81 7.97
CA LEU A 30 24.28 -13.23 8.87
C LEU A 30 24.44 -12.24 10.04
N THR A 31 24.62 -12.80 11.24
CA THR A 31 24.62 -11.98 12.44
C THR A 31 25.46 -12.60 13.55
N ARG A 32 25.35 -12.11 14.78
CA ARG A 32 26.26 -12.51 15.85
C ARG A 32 25.49 -13.26 16.91
N ALA A 33 25.97 -14.46 17.25
CA ALA A 33 25.27 -15.30 18.21
C ALA A 33 25.22 -14.57 19.58
N ALA A 34 26.27 -13.81 19.87
CA ALA A 34 26.39 -13.07 21.13
C ALA A 34 25.15 -12.18 21.45
N TYR A 35 24.52 -11.66 20.40
CA TYR A 35 23.27 -10.88 20.55
C TYR A 35 22.19 -11.66 21.27
N TYR A 36 22.21 -12.97 21.13
CA TYR A 36 21.15 -13.77 21.68
C TYR A 36 21.49 -14.27 23.07
N ASP A 37 22.72 -13.99 23.55
CA ASP A 37 23.20 -14.50 24.84
C ASP A 37 22.19 -14.26 25.95
N GLY A 38 21.69 -15.34 26.52
CA GLY A 38 20.78 -15.25 27.67
C GLY A 38 19.42 -14.66 27.35
N LEU A 39 19.08 -14.54 26.08
CA LEU A 39 17.71 -14.16 25.69
C LEU A 39 16.78 -15.33 25.91
N GLU A 40 15.52 -15.02 26.20
CA GLU A 40 14.49 -16.05 26.37
C GLU A 40 13.57 -16.11 25.16
N SER A 41 13.26 -14.94 24.59
CA SER A 41 12.34 -14.82 23.47
C SER A 41 12.90 -15.44 22.20
N TYR A 42 14.21 -15.25 22.00
CA TYR A 42 14.92 -15.83 20.86
C TYR A 42 16.14 -16.54 21.43
N PRO A 43 15.91 -17.77 21.95
CA PRO A 43 16.96 -18.52 22.66
C PRO A 43 18.16 -18.82 21.77
N SER A 44 19.36 -18.69 22.34
CA SER A 44 20.62 -19.11 21.70
C SER A 44 20.51 -20.50 21.13
N LYS A 45 19.87 -21.41 21.85
CA LYS A 45 19.78 -22.81 21.40
C LYS A 45 18.98 -22.97 20.11
N ASN A 46 18.23 -21.93 19.71
CA ASN A 46 17.41 -22.04 18.49
C ASN A 46 18.08 -21.34 17.32
N LEU A 47 19.29 -20.84 17.54
CA LEU A 47 20.05 -20.17 16.50
C LEU A 47 20.50 -21.20 15.49
N VAL A 48 20.44 -20.83 14.21
CA VAL A 48 21.05 -21.61 13.14
C VAL A 48 22.51 -21.20 13.03
N LEU A 50 26.56 -21.28 12.06
CA LEU A 50 27.43 -21.65 10.94
C LEU A 50 28.47 -22.66 11.36
N LEU A 51 28.90 -23.47 10.40
CA LEU A 51 29.98 -24.40 10.57
C LEU A 51 31.25 -23.60 10.88
N ASN A 52 32.04 -24.09 11.81
CA ASN A 52 33.23 -23.34 12.28
C ASN A 52 32.88 -21.91 12.76
N PRO A 53 31.98 -21.82 13.74
CA PRO A 53 31.54 -20.50 14.16
C PRO A 53 32.65 -19.62 14.71
N LEU A 54 33.77 -20.18 15.13
CA LEU A 54 34.90 -19.38 15.67
C LEU A 54 35.72 -18.71 14.59
N SER A 55 35.51 -19.14 13.34
CA SER A 55 36.33 -18.70 12.21
C SER A 55 36.02 -17.25 11.80
N ALA A 56 34.94 -16.69 12.33
CA ALA A 56 34.55 -15.30 12.00
C ALA A 56 33.62 -14.61 13.00
N ASP A 57 33.61 -13.27 12.93
CA ASP A 57 32.67 -12.42 13.68
C ASP A 57 31.20 -12.76 13.42
N LEU A 58 30.85 -12.97 12.16
CA LEU A 58 29.52 -13.39 11.83
C LEU A 58 29.54 -14.90 11.94
N ASN A 59 28.62 -15.45 12.75
CA ASN A 59 28.70 -16.86 13.09
C ASN A 59 27.37 -17.61 13.11
N CYS A 60 26.27 -16.93 12.74
CA CYS A 60 24.95 -17.56 12.72
C CYS A 60 24.01 -16.78 11.79
N ARG A 62 20.26 -14.85 11.44
CA ARG A 62 19.35 -14.16 12.36
C ARG A 62 18.06 -14.95 12.62
N GLN A 63 17.62 -14.94 13.88
CA GLN A 63 16.34 -15.43 14.36
C GLN A 63 15.28 -14.32 14.37
N THR A 64 15.72 -13.07 14.47
CA THR A 64 14.85 -11.90 14.59
C THR A 64 15.44 -10.77 13.74
N LEU A 65 14.58 -9.94 13.17
CA LEU A 65 15.06 -8.74 12.46
C LEU A 65 15.50 -7.64 13.42
N LEU A 66 15.10 -7.73 14.68
CA LEU A 66 15.27 -6.65 15.66
C LEU A 66 16.67 -6.05 15.68
N PHE A 67 17.68 -6.90 15.87
CA PHE A 67 19.03 -6.43 16.16
C PHE A 67 19.62 -5.67 14.99
N GLY A 68 19.38 -6.15 13.77
CA GLY A 68 19.79 -5.42 12.58
C GLY A 68 19.29 -3.99 12.61
N GLY A 69 18.03 -3.81 12.96
CA GLY A 69 17.44 -2.47 13.01
C GLY A 69 18.06 -1.58 14.10
N LEU A 70 18.39 -2.19 15.23
CA LEU A 70 19.00 -1.45 16.31
C LEU A 70 20.37 -1.03 15.86
N GLU A 71 21.11 -1.95 15.22
CA GLU A 71 22.42 -1.60 14.64
C GLU A 71 22.27 -0.40 13.73
N SER A 72 21.22 -0.38 12.91
CA SER A 72 21.00 0.70 11.94
C SER A 72 20.69 2.02 12.61
N ILE A 73 19.90 1.96 13.66
CA ILE A 73 19.59 3.13 14.46
C ILE A 73 20.86 3.65 15.12
N ALA A 74 21.63 2.74 15.72
CA ALA A 74 22.89 3.10 16.41
C ALA A 74 23.92 3.62 15.43
N HIS A 75 23.79 3.21 14.16
CA HIS A 75 24.66 3.69 13.10
C HIS A 75 24.38 5.17 12.73
N ASN A 76 23.15 5.46 12.30
CA ASN A 76 22.72 6.81 11.84
C ASN A 76 22.96 7.90 12.89
N ASP A 83 14.68 11.83 13.78
CA ASP A 83 13.87 10.78 14.37
C ASP A 83 13.46 9.69 13.37
N LEU A 84 14.08 8.53 13.53
CA LEU A 84 14.08 7.46 12.54
C LEU A 84 12.79 6.65 12.45
N LYS A 85 12.38 6.39 11.21
CA LYS A 85 11.34 5.39 10.94
C LYS A 85 11.84 4.42 9.87
N PHE A 86 12.09 3.17 10.25
CA PHE A 86 12.61 2.18 9.30
C PHE A 86 11.67 0.99 9.18
N PHE A 87 11.68 0.34 8.01
CA PHE A 87 11.02 -0.96 7.88
C PHE A 87 11.88 -1.91 7.09
N GLU A 88 11.71 -3.21 7.31
CA GLU A 88 12.50 -4.20 6.57
C GLU A 88 11.71 -5.47 6.35
N PHE A 89 11.68 -5.92 5.10
CA PHE A 89 11.19 -7.26 4.78
C PHE A 89 12.40 -8.18 4.75
N GLY A 90 12.32 -9.33 5.41
CA GLY A 90 13.44 -10.28 5.38
C GLY A 90 13.16 -11.63 5.97
N ASN A 91 13.96 -12.61 5.55
CA ASN A 91 13.91 -13.92 6.14
C ASN A 91 14.61 -13.96 7.49
N CYS A 92 14.01 -14.72 8.42
CA CYS A 92 14.66 -15.14 9.65
C CYS A 92 14.75 -16.67 9.68
N TYR A 93 15.62 -17.19 10.55
CA TYR A 93 16.01 -18.59 10.52
C TYR A 93 15.93 -19.17 11.92
N HIS A 94 15.45 -20.39 12.01
CA HIS A 94 15.25 -20.98 13.29
CA HIS A 94 15.11 -21.04 13.29
C HIS A 94 15.68 -22.44 13.26
N PHE A 95 16.34 -22.86 14.34
CA PHE A 95 16.74 -24.27 14.51
C PHE A 95 15.82 -24.90 15.54
N ASP A 96 15.17 -26.00 15.16
CA ASP A 96 14.22 -26.65 16.06
C ASP A 96 14.91 -27.72 16.94
N ALA A 107 15.10 -32.33 8.95
CA ALA A 107 15.12 -30.93 8.55
C ALA A 107 14.85 -29.97 9.72
N PRO A 108 15.84 -29.78 10.59
CA PRO A 108 15.69 -28.92 11.77
C PRO A 108 15.74 -27.40 11.47
N TYR A 109 16.23 -27.03 10.28
CA TYR A 109 16.46 -25.63 9.92
C TYR A 109 15.37 -25.07 9.03
N SER A 110 14.61 -24.09 9.54
CA SER A 110 13.55 -23.44 8.75
C SER A 110 13.76 -21.93 8.53
N GLU A 111 13.07 -21.40 7.52
CA GLU A 111 13.06 -19.96 7.28
C GLU A 111 11.65 -19.42 7.19
N ASP A 112 11.46 -18.20 7.66
CA ASP A 112 10.14 -17.56 7.74
C ASP A 112 10.36 -16.12 7.34
N TYR A 113 9.30 -15.46 6.88
CA TYR A 113 9.43 -14.13 6.32
C TYR A 113 8.76 -13.15 7.28
N HIS A 114 9.47 -12.08 7.59
CA HIS A 114 9.00 -11.10 8.56
C HIS A 114 9.05 -9.70 8.00
N LEU A 115 8.14 -8.85 8.49
CA LEU A 115 8.22 -7.43 8.29
C LEU A 115 8.46 -6.80 9.66
N GLY A 116 9.54 -6.03 9.74
CA GLY A 116 9.88 -5.32 10.98
C GLY A 116 9.74 -3.82 10.79
N LEU A 117 9.30 -3.15 11.84
CA LEU A 117 9.16 -1.69 11.87
C LEU A 117 9.93 -1.18 13.06
N TRP A 118 10.69 -0.09 12.88
CA TRP A 118 11.36 0.57 14.00
C TRP A 118 11.01 2.04 13.93
N VAL A 119 10.55 2.59 15.05
CA VAL A 119 10.21 4.02 15.16
C VAL A 119 10.93 4.56 16.39
N THR A 120 11.77 5.58 16.22
CA THR A 120 12.44 6.20 17.35
C THR A 120 11.56 7.29 17.94
N GLY A 121 11.68 7.47 19.24
CA GLY A 121 10.92 8.47 19.97
C GLY A 121 11.86 9.39 20.71
N LYS A 122 11.45 9.79 21.92
CA LYS A 122 12.21 10.74 22.74
C LYS A 122 13.54 10.17 23.20
N VAL A 124 16.27 8.94 25.72
CA VAL A 124 16.17 8.27 27.02
C VAL A 124 16.65 9.25 28.12
N SER A 125 15.75 9.58 29.06
CA SER A 125 16.11 10.43 30.21
C SER A 125 15.44 9.95 31.50
N ASN A 126 15.88 10.52 32.62
CA ASN A 126 15.28 10.26 33.92
C ASN A 126 14.17 11.27 34.27
N SER A 127 13.43 11.73 33.26
CA SER A 127 12.46 12.81 33.44
C SER A 127 11.01 12.36 33.40
N TRP A 128 10.12 13.15 33.99
CA TRP A 128 8.69 12.86 33.99
C TRP A 128 8.10 13.06 32.60
N GLU A 133 5.15 5.54 27.78
CA GLU A 133 5.32 4.46 26.81
C GLU A 133 3.98 4.02 26.22
N ASN A 134 2.93 4.29 26.98
CA ASN A 134 1.56 3.98 26.63
C ASN A 134 1.14 4.55 25.29
N THR A 135 1.42 5.85 25.10
CA THR A 135 0.95 6.60 23.95
C THR A 135 1.74 6.31 22.66
N SER A 136 3.02 5.99 22.80
CA SER A 136 3.83 5.58 21.66
C SER A 136 3.51 4.17 21.12
N VAL A 137 3.12 3.25 22.01
CA VAL A 137 2.62 1.93 21.59
C VAL A 137 1.38 2.12 20.71
N TYR A 138 0.58 3.14 21.01
CA TYR A 138 -0.65 3.34 20.27
C TYR A 138 -0.45 4.11 18.97
N GLU A 139 0.63 4.88 18.89
CA GLU A 139 1.07 5.43 17.60
C GLU A 139 1.63 4.31 16.72
N LEU A 140 2.44 3.44 17.30
CA LEU A 140 2.95 2.27 16.59
C LEU A 140 1.82 1.34 16.13
N LYS A 141 0.81 1.18 16.99
CA LYS A 141 -0.36 0.34 16.68
C LYS A 141 -1.14 0.89 15.50
N ALA A 142 -1.14 2.20 15.33
CA ALA A 142 -1.85 2.82 14.21
C ALA A 142 -1.17 2.43 12.90
N TYR A 143 0.16 2.40 12.88
CA TYR A 143 0.85 2.00 11.65
C TYR A 143 0.49 0.54 11.33
N VAL A 144 0.50 -0.30 12.37
CA VAL A 144 0.20 -1.73 12.19
C VAL A 144 -1.24 -1.94 11.70
N GLU A 145 -2.21 -1.33 12.36
CA GLU A 145 -3.59 -1.33 11.86
C GLU A 145 -3.66 -0.99 10.36
N ASN A 146 -3.00 0.09 9.93
CA ASN A 146 -3.03 0.47 8.53
C ASN A 146 -2.38 -0.53 7.60
N ILE A 147 -1.34 -1.22 8.08
CA ILE A 147 -0.82 -2.39 7.39
C ILE A 147 -1.88 -3.49 7.31
N PHE A 148 -2.53 -3.77 8.43
CA PHE A 148 -3.51 -4.84 8.44
C PHE A 148 -4.65 -4.53 7.46
N LYS A 149 -5.04 -3.26 7.38
CA LYS A 149 -6.17 -2.88 6.51
C LYS A 149 -5.75 -3.06 5.07
N ARG A 150 -4.54 -2.61 4.74
CA ARG A 150 -3.98 -2.80 3.39
C ARG A 150 -3.88 -4.28 3.04
N LEU A 151 -3.82 -5.16 4.04
CA LEU A 151 -3.76 -6.60 3.81
C LEU A 151 -5.15 -7.22 3.79
N GLY A 152 -6.16 -6.36 3.90
CA GLY A 152 -7.55 -6.81 3.94
C GLY A 152 -7.84 -7.72 5.12
N LEU A 153 -7.20 -7.46 6.25
CA LEU A 153 -7.40 -8.28 7.45
C LEU A 153 -8.66 -7.91 8.21
N ASP A 154 -9.34 -8.91 8.77
CA ASP A 154 -10.52 -8.71 9.62
C ASP A 154 -10.10 -8.34 11.02
N LEU A 155 -10.12 -7.06 11.35
CA LEU A 155 -9.59 -6.60 12.64
C LEU A 155 -10.31 -7.26 13.83
N HIS A 156 -11.59 -7.56 13.62
CA HIS A 156 -12.44 -8.15 14.65
C HIS A 156 -12.09 -9.58 15.00
N SER A 157 -11.38 -10.27 14.09
CA SER A 157 -10.94 -11.64 14.31
C SER A 157 -9.68 -11.76 15.18
N LEU A 158 -9.05 -10.63 15.52
CA LEU A 158 -7.77 -10.67 16.23
C LEU A 158 -7.96 -10.71 17.75
N VAL A 159 -7.04 -11.40 18.42
CA VAL A 159 -6.98 -11.41 19.88
C VAL A 159 -5.69 -10.71 20.33
N VAL A 160 -5.87 -9.59 21.02
CA VAL A 160 -4.76 -8.77 21.54
C VAL A 160 -4.42 -9.18 23.00
N GLY A 161 -3.12 -9.36 23.26
CA GLY A 161 -2.63 -9.75 24.59
C GLY A 161 -1.56 -8.78 25.05
N ASN A 162 -1.29 -8.76 26.36
CA ASN A 162 -0.22 -7.94 26.90
C ASN A 162 1.09 -8.73 26.93
N LEU A 163 2.21 -8.01 26.93
CA LEU A 163 3.52 -8.65 26.90
C LEU A 163 4.58 -7.69 27.41
N SER A 164 5.37 -8.20 28.36
CA SER A 164 6.66 -7.60 28.68
C SER A 164 7.65 -8.74 28.80
N ASP A 165 8.77 -8.63 28.11
CA ASP A 165 9.78 -9.69 28.13
C ASP A 165 11.18 -9.12 27.96
N ASP A 166 12.16 -9.98 27.70
CA ASP A 166 13.53 -9.54 27.46
C ASP A 166 13.68 -8.59 26.25
N ILE A 167 12.68 -8.52 25.35
CA ILE A 167 12.74 -7.63 24.18
C ILE A 167 11.99 -6.31 24.45
N TYR A 168 10.79 -6.44 25.02
CA TYR A 168 9.89 -5.30 25.24
C TYR A 168 9.59 -5.08 26.70
N SER A 169 9.71 -3.86 27.17
CA SER A 169 9.26 -3.56 28.52
C SER A 169 7.72 -3.57 28.52
N THR A 170 7.13 -3.04 27.44
CA THR A 170 5.67 -3.00 27.26
C THR A 170 5.33 -3.30 25.80
N ALA A 171 4.46 -4.30 25.58
CA ALA A 171 4.11 -4.70 24.21
C ALA A 171 2.76 -5.39 24.09
N LEU A 172 2.25 -5.43 22.87
CA LEU A 172 1.02 -6.15 22.56
C LEU A 172 1.29 -7.27 21.56
N THR A 173 0.60 -8.39 21.78
CA THR A 173 0.67 -9.53 20.90
C THR A 173 -0.64 -9.60 20.16
N VAL A 174 -0.57 -10.00 18.89
CA VAL A 174 -1.74 -10.17 18.05
C VAL A 174 -1.77 -11.63 17.61
N ASN A 175 -2.79 -12.35 18.06
CA ASN A 175 -2.97 -13.76 17.81
C ASN A 175 -4.28 -14.02 17.05
N THR A 176 -4.36 -15.15 16.37
CA THR A 176 -5.66 -15.62 15.86
C THR A 176 -6.47 -16.09 17.05
N LYS A 177 -7.74 -16.39 16.83
CA LYS A 177 -8.55 -16.97 17.90
C LYS A 177 -8.11 -18.40 18.27
N GLY A 178 -7.40 -19.06 17.34
CA GLY A 178 -6.76 -20.35 17.62
C GLY A 178 -5.49 -20.19 18.46
N GLY A 179 -4.95 -18.97 18.50
CA GLY A 179 -3.76 -18.68 19.28
C GLY A 179 -2.47 -18.62 18.48
N LYS A 180 -2.57 -18.57 17.16
CA LYS A 180 -1.40 -18.41 16.31
C LYS A 180 -0.93 -16.94 16.34
N ARG A 181 0.36 -16.71 16.51
CA ARG A 181 0.91 -15.35 16.57
C ARG A 181 1.00 -14.69 15.19
N LEU A 182 0.43 -13.50 15.05
CA LEU A 182 0.47 -12.78 13.78
C LEU A 182 1.36 -11.56 13.82
N ALA A 183 1.47 -10.94 15.01
CA ALA A 183 2.32 -9.75 15.19
C ALA A 183 2.62 -9.48 16.66
N THR A 184 3.69 -8.74 16.87
CA THR A 184 4.10 -8.34 18.19
C THR A 184 4.71 -6.97 17.99
N PHE A 185 4.33 -6.05 18.86
CA PHE A 185 4.85 -4.70 18.79
C PHE A 185 4.79 -3.97 20.12
N GLY A 186 5.78 -3.12 20.35
CA GLY A 186 5.80 -2.29 21.54
C GLY A 186 7.10 -1.55 21.75
N VAL A 187 7.44 -1.36 23.01
CA VAL A 187 8.57 -0.55 23.42
C VAL A 187 9.76 -1.45 23.80
N VAL A 188 10.91 -1.20 23.19
CA VAL A 188 12.10 -1.99 23.43
C VAL A 188 12.67 -1.65 24.80
N THR A 189 13.08 -2.67 25.57
CA THR A 189 13.66 -2.46 26.92
C THR A 189 14.85 -1.51 26.86
N LYS A 190 15.01 -0.71 27.91
CA LYS A 190 16.18 0.17 28.05
C LYS A 190 17.48 -0.62 28.06
N LYS A 191 17.49 -1.80 28.70
CA LYS A 191 18.66 -2.68 28.64
C LYS A 191 19.08 -2.97 27.19
N LEU A 193 18.32 -1.26 24.44
CA LEU A 193 18.80 0.01 23.89
C LEU A 193 20.27 0.25 24.30
N LYS A 194 20.56 0.05 25.57
CA LYS A 194 21.92 0.19 26.11
C LYS A 194 22.90 -0.78 25.45
N ALA A 195 22.50 -2.04 25.29
CA ALA A 195 23.34 -3.03 24.64
C ALA A 195 23.74 -2.59 23.22
N PHE A 196 22.87 -1.85 22.56
CA PHE A 196 23.17 -1.40 21.20
C PHE A 196 23.66 0.05 21.00
N ASP A 197 24.05 0.71 22.09
CA ASP A 197 24.46 2.13 22.08
C ASP A 197 23.35 3.01 21.44
N VAL A 198 22.10 2.71 21.78
CA VAL A 198 20.96 3.47 21.28
C VAL A 198 20.42 4.39 22.41
N ASP A 199 20.29 5.68 22.09
CA ASP A 199 20.03 6.74 23.07
C ASP A 199 18.61 7.30 23.04
N ASN A 200 17.87 6.93 22.00
CA ASN A 200 16.44 7.22 21.93
C ASN A 200 15.65 5.95 22.17
N GLU A 201 14.47 6.13 22.76
CA GLU A 201 13.47 5.07 22.80
C GLU A 201 13.20 4.55 21.42
N VAL A 202 12.93 3.25 21.33
CA VAL A 202 12.64 2.59 20.05
C VAL A 202 11.33 1.83 20.13
N TYR A 203 10.52 1.94 19.07
CA TYR A 203 9.25 1.27 19.03
C TYR A 203 9.30 0.29 17.92
N TYR A 204 9.14 -0.99 18.27
CA TYR A 204 9.43 -2.04 17.34
C TYR A 204 8.21 -2.93 17.08
N ALA A 205 7.96 -3.21 15.81
CA ALA A 205 6.93 -4.16 15.41
C ALA A 205 7.51 -5.33 14.62
N ASP A 206 7.02 -6.53 14.86
CA ASP A 206 7.44 -7.70 14.06
C ASP A 206 6.16 -8.35 13.56
N LEU A 207 5.98 -8.34 12.25
CA LEU A 207 4.76 -8.92 11.66
C LEU A 207 5.15 -10.23 10.98
N ASN A 208 4.47 -11.31 11.32
CA ASN A 208 4.70 -12.62 10.73
C ASN A 208 4.00 -12.65 9.37
N TRP A 209 4.72 -12.16 8.36
CA TRP A 209 4.15 -11.83 7.08
C TRP A 209 3.52 -13.01 6.38
N LYS A 210 4.16 -14.18 6.44
CA LYS A 210 3.67 -15.38 5.79
C LYS A 210 2.33 -15.76 6.41
N GLU A 211 2.25 -15.68 7.73
CA GLU A 211 1.01 -15.96 8.49
C GLU A 211 -0.16 -15.04 8.13
N LEU A 212 0.17 -13.88 7.57
CA LEU A 212 -0.82 -12.88 7.20
C LEU A 212 -1.33 -13.04 5.77
N LYS B 5 -17.32 3.31 -24.52
CA LYS B 5 -17.19 4.19 -23.34
C LYS B 5 -17.52 3.45 -22.05
N SER B 6 -18.65 2.76 -22.06
CA SER B 6 -19.08 1.96 -20.93
C SER B 6 -17.99 0.95 -20.66
N ASN B 7 -17.41 0.44 -21.74
CA ASN B 7 -16.39 -0.60 -21.67
C ASN B 7 -15.11 -0.06 -21.05
N LYS B 8 -14.71 1.13 -21.50
CA LYS B 8 -13.56 1.83 -20.94
C LYS B 8 -13.72 2.05 -19.43
N LEU B 9 -14.87 2.58 -19.02
CA LEU B 9 -15.15 2.84 -17.60
C LEU B 9 -15.25 1.58 -16.77
N GLN B 10 -15.85 0.52 -17.33
CA GLN B 10 -15.91 -0.75 -16.62
C GLN B 10 -14.50 -1.23 -16.29
N ASN B 11 -13.60 -1.13 -17.25
CA ASN B 11 -12.22 -1.54 -17.07
C ASN B 11 -11.56 -0.69 -15.98
N LEU B 12 -11.79 0.62 -16.04
CA LEU B 12 -11.19 1.56 -15.08
C LEU B 12 -11.66 1.24 -13.65
N VAL B 13 -12.97 0.98 -13.51
CA VAL B 13 -13.54 0.64 -12.20
C VAL B 13 -13.04 -0.70 -11.66
N ALA B 14 -12.89 -1.67 -12.57
CA ALA B 14 -12.32 -2.98 -12.24
C ALA B 14 -10.89 -2.86 -11.74
N GLU B 15 -10.08 -2.08 -12.45
CA GLU B 15 -8.68 -1.86 -12.06
C GLU B 15 -8.60 -1.20 -10.70
N GLN B 16 -9.49 -0.23 -10.45
CA GLN B 16 -9.52 0.46 -9.18
C GLN B 16 -9.90 -0.46 -8.04
N LEU B 17 -10.94 -1.27 -8.25
CA LEU B 17 -11.37 -2.23 -7.24
C LEU B 17 -10.31 -3.29 -6.95
N VAL B 18 -9.68 -3.82 -8.01
CA VAL B 18 -8.61 -4.82 -7.84
C VAL B 18 -7.47 -4.16 -7.05
N GLY B 19 -7.16 -2.91 -7.38
CA GLY B 19 -6.15 -2.15 -6.65
C GLY B 19 -6.46 -2.07 -5.14
N CYS B 20 -7.74 -2.09 -4.79
CA CYS B 20 -8.17 -1.98 -3.40
C CYS B 20 -8.36 -3.34 -2.74
N GLY B 21 -7.87 -4.39 -3.39
CA GLY B 21 -7.94 -5.73 -2.81
C GLY B 21 -9.21 -6.51 -3.14
N PHE B 22 -10.03 -6.04 -4.09
CA PHE B 22 -11.19 -6.83 -4.54
C PHE B 22 -10.74 -7.87 -5.53
N ASN B 23 -11.50 -8.96 -5.61
CA ASN B 23 -11.44 -9.93 -6.73
C ASN B 23 -12.75 -9.91 -7.48
N GLU B 24 -12.69 -9.92 -8.81
CA GLU B 24 -13.88 -10.07 -9.62
C GLU B 24 -14.48 -11.49 -9.54
N ILE B 25 -15.81 -11.60 -9.46
CA ILE B 25 -16.46 -12.89 -9.50
C ILE B 25 -17.47 -12.96 -10.64
N LEU B 26 -17.86 -14.17 -11.01
CA LEU B 26 -18.78 -14.33 -12.11
C LEU B 26 -19.75 -15.41 -11.72
N ASN B 27 -21.03 -15.07 -11.63
CA ASN B 27 -22.05 -16.03 -11.24
C ASN B 27 -23.06 -16.29 -12.37
N ASN B 28 -23.65 -17.47 -12.39
CA ASN B 28 -24.62 -17.82 -13.39
C ASN B 28 -25.81 -16.91 -13.34
N SER B 29 -26.36 -16.60 -14.48
CA SER B 29 -27.58 -15.83 -14.53
C SER B 29 -28.82 -16.70 -14.28
N LEU B 30 -28.72 -18.00 -14.53
CA LEU B 30 -29.82 -18.93 -14.24
C LEU B 30 -29.78 -19.18 -12.73
N THR B 31 -30.93 -19.02 -12.07
CA THR B 31 -30.96 -19.05 -10.60
C THR B 31 -32.25 -19.70 -10.06
N ARG B 32 -32.45 -19.57 -8.74
CA ARG B 32 -33.52 -20.22 -7.96
C ARG B 32 -34.64 -19.24 -7.61
N ALA B 33 -35.82 -19.47 -8.19
CA ALA B 33 -37.00 -18.64 -7.97
C ALA B 33 -37.36 -18.49 -6.47
N ALA B 34 -37.10 -19.53 -5.69
CA ALA B 34 -37.48 -19.57 -4.27
C ALA B 34 -36.68 -18.56 -3.45
N TYR B 35 -35.54 -18.12 -3.96
CA TYR B 35 -34.79 -17.05 -3.31
C TYR B 35 -35.66 -15.79 -3.21
N TYR B 36 -36.58 -15.61 -4.14
CA TYR B 36 -37.37 -14.38 -4.21
C TYR B 36 -38.69 -14.45 -3.43
N ASP B 37 -38.97 -15.59 -2.80
CA ASP B 37 -40.21 -15.79 -2.07
C ASP B 37 -40.48 -14.72 -1.03
N GLY B 38 -41.64 -14.08 -1.16
CA GLY B 38 -42.08 -13.08 -0.19
C GLY B 38 -41.26 -11.80 -0.16
N LEU B 39 -40.35 -11.64 -1.11
CA LEU B 39 -39.55 -10.41 -1.16
C LEU B 39 -40.39 -9.29 -1.73
N GLU B 40 -40.11 -8.08 -1.26
CA GLU B 40 -40.75 -6.87 -1.77
C GLU B 40 -39.82 -6.10 -2.68
N SER B 41 -38.50 -6.19 -2.44
CA SER B 41 -37.57 -5.39 -3.22
C SER B 41 -37.41 -5.96 -4.63
N TYR B 42 -37.37 -7.29 -4.74
CA TYR B 42 -37.38 -7.98 -6.05
C TYR B 42 -38.44 -9.05 -6.03
N PRO B 43 -39.71 -8.66 -6.29
CA PRO B 43 -40.82 -9.59 -6.10
C PRO B 43 -40.78 -10.79 -7.01
N SER B 44 -41.26 -11.90 -6.46
CA SER B 44 -41.40 -13.12 -7.18
C SER B 44 -42.21 -12.93 -8.48
N LYS B 45 -43.22 -12.06 -8.44
CA LYS B 45 -44.06 -11.87 -9.62
C LYS B 45 -43.33 -11.18 -10.78
N ASN B 46 -42.19 -10.54 -10.50
CA ASN B 46 -41.40 -9.88 -11.56
C ASN B 46 -40.24 -10.73 -12.11
N LEU B 47 -40.22 -12.01 -11.74
CA LEU B 47 -39.17 -12.90 -12.21
C LEU B 47 -39.40 -13.30 -13.65
N VAL B 48 -38.32 -13.43 -14.38
CA VAL B 48 -38.36 -13.97 -15.73
C VAL B 48 -38.23 -15.48 -15.62
N LEU B 50 -38.35 -19.50 -16.68
CA LEU B 50 -38.00 -20.35 -17.80
C LEU B 50 -39.20 -21.18 -18.23
N LEU B 51 -39.36 -21.35 -19.54
CA LEU B 51 -40.33 -22.30 -20.08
C LEU B 51 -39.99 -23.74 -19.67
N ASN B 52 -38.72 -24.11 -19.76
CA ASN B 52 -38.31 -25.49 -19.49
C ASN B 52 -37.25 -25.48 -18.44
N PRO B 53 -37.65 -25.27 -17.17
CA PRO B 53 -36.67 -25.14 -16.08
C PRO B 53 -35.87 -26.42 -15.94
N LEU B 54 -34.61 -26.32 -15.53
CA LEU B 54 -33.76 -27.51 -15.29
C LEU B 54 -34.05 -28.20 -13.97
N SER B 55 -34.37 -27.41 -12.94
CA SER B 55 -34.70 -27.93 -11.61
C SER B 55 -35.29 -26.78 -10.82
N ALA B 56 -35.75 -27.07 -9.61
CA ALA B 56 -36.19 -26.00 -8.70
C ALA B 56 -35.11 -24.97 -8.44
N ASP B 57 -33.85 -25.34 -8.59
CA ASP B 57 -32.76 -24.38 -8.32
C ASP B 57 -32.32 -23.62 -9.54
N LEU B 58 -32.91 -23.97 -10.68
CA LEU B 58 -32.50 -23.41 -11.95
C LEU B 58 -33.74 -23.23 -12.84
N ASN B 59 -34.57 -22.26 -12.50
CA ASN B 59 -35.87 -22.14 -13.12
C ASN B 59 -36.21 -20.73 -13.55
N CYS B 60 -35.27 -19.79 -13.36
CA CYS B 60 -35.53 -18.39 -13.69
C CYS B 60 -34.24 -17.65 -13.90
N ARG B 62 -31.93 -14.33 -13.12
CA ARG B 62 -31.79 -13.53 -11.90
C ARG B 62 -32.39 -12.12 -12.04
N GLN B 63 -32.99 -11.67 -10.96
CA GLN B 63 -33.51 -10.31 -10.88
C GLN B 63 -32.51 -9.40 -10.19
N THR B 64 -31.66 -9.99 -9.34
CA THR B 64 -30.64 -9.24 -8.60
C THR B 64 -29.34 -10.03 -8.65
N LEU B 65 -28.23 -9.31 -8.60
CA LEU B 65 -26.93 -9.94 -8.36
C LEU B 65 -26.72 -10.50 -6.97
N LEU B 66 -27.46 -10.00 -6.00
CA LEU B 66 -27.12 -10.26 -4.59
C LEU B 66 -26.84 -11.73 -4.29
N PHE B 67 -27.80 -12.58 -4.64
CA PHE B 67 -27.77 -13.96 -4.16
C PHE B 67 -26.56 -14.78 -4.65
N GLY B 68 -26.18 -14.58 -5.90
CA GLY B 68 -25.00 -15.24 -6.39
C GLY B 68 -23.77 -14.88 -5.57
N GLY B 69 -23.65 -13.61 -5.20
CA GLY B 69 -22.54 -13.17 -4.36
C GLY B 69 -22.58 -13.81 -2.97
N LEU B 70 -23.77 -14.01 -2.40
CA LEU B 70 -23.88 -14.66 -1.11
C LEU B 70 -23.48 -16.12 -1.21
N GLU B 71 -23.85 -16.80 -2.30
CA GLU B 71 -23.37 -18.15 -2.59
C GLU B 71 -21.82 -18.20 -2.68
N SER B 72 -21.25 -17.22 -3.39
CA SER B 72 -19.78 -17.12 -3.55
C SER B 72 -19.10 -16.93 -2.21
N ILE B 73 -19.65 -16.09 -1.34
CA ILE B 73 -19.07 -15.84 -0.01
C ILE B 73 -19.10 -17.14 0.79
N ALA B 74 -20.26 -17.81 0.77
CA ALA B 74 -20.42 -19.14 1.35
C ALA B 74 -19.36 -20.15 0.88
N HIS B 75 -19.12 -20.25 -0.44
CA HIS B 75 -18.10 -21.15 -1.00
C HIS B 75 -16.62 -20.69 -0.80
N ASN B 76 -16.41 -19.44 -0.40
CA ASN B 76 -15.06 -18.88 -0.18
C ASN B 76 -14.68 -18.77 1.29
N ALA B 77 -15.30 -19.61 2.12
CA ALA B 77 -14.98 -19.62 3.51
C ALA B 77 -13.49 -19.96 3.65
N ASN B 78 -12.83 -19.32 4.61
CA ASN B 78 -11.42 -19.57 4.86
C ASN B 78 -11.13 -19.54 6.36
N ARG B 79 -9.91 -19.93 6.74
CA ARG B 79 -9.48 -19.95 8.13
C ARG B 79 -8.52 -18.79 8.39
N LYS B 80 -8.07 -18.17 7.31
CA LYS B 80 -7.36 -16.88 7.32
C LYS B 80 -8.16 -15.77 8.02
N ASN B 81 -7.49 -14.65 8.27
CA ASN B 81 -8.11 -13.56 8.98
C ASN B 81 -8.45 -12.40 8.04
N ALA B 82 -8.88 -12.72 6.82
CA ALA B 82 -9.12 -11.70 5.81
C ALA B 82 -10.60 -11.50 5.42
N ASP B 83 -10.95 -10.24 5.21
CA ASP B 83 -12.24 -9.89 4.64
C ASP B 83 -12.25 -10.37 3.19
N LEU B 84 -13.39 -10.87 2.72
CA LEU B 84 -13.59 -11.09 1.31
C LEU B 84 -14.13 -9.83 0.70
N LYS B 85 -13.58 -9.43 -0.44
CA LYS B 85 -14.08 -8.30 -1.20
C LYS B 85 -14.25 -8.69 -2.64
N PHE B 86 -15.52 -8.74 -3.06
CA PHE B 86 -15.89 -9.21 -4.37
C PHE B 86 -16.63 -8.16 -5.17
N PHE B 87 -16.50 -8.21 -6.49
CA PHE B 87 -17.35 -7.42 -7.35
C PHE B 87 -17.76 -8.21 -8.58
N GLU B 88 -18.90 -7.86 -9.14
CA GLU B 88 -19.38 -8.55 -10.32
C GLU B 88 -20.11 -7.57 -11.20
N PHE B 89 -19.77 -7.56 -12.50
CA PHE B 89 -20.60 -6.93 -13.51
C PHE B 89 -21.50 -8.00 -14.15
N GLY B 90 -22.78 -7.69 -14.27
CA GLY B 90 -23.67 -8.65 -14.91
C GLY B 90 -25.04 -8.11 -15.23
N ASN B 91 -25.71 -8.75 -16.17
CA ASN B 91 -27.10 -8.44 -16.46
C ASN B 91 -28.03 -9.08 -15.45
N CYS B 92 -29.10 -8.35 -15.12
CA CYS B 92 -30.26 -8.89 -14.44
C CYS B 92 -31.46 -8.72 -15.36
N TYR B 93 -32.55 -9.42 -15.03
CA TYR B 93 -33.69 -9.56 -15.90
C TYR B 93 -34.98 -9.34 -15.11
N HIS B 94 -35.98 -8.80 -15.78
CA HIS B 94 -37.22 -8.31 -15.18
C HIS B 94 -38.39 -8.63 -16.10
N PHE B 95 -39.48 -9.07 -15.48
CA PHE B 95 -40.73 -9.31 -16.18
C PHE B 95 -41.72 -8.26 -15.70
N ASP B 96 -42.25 -7.49 -16.65
CA ASP B 96 -43.30 -6.54 -16.35
C ASP B 96 -44.42 -6.74 -17.35
N LEU B 106 -46.26 -6.06 -25.55
CA LEU B 106 -45.34 -6.35 -26.65
C LEU B 106 -44.06 -7.04 -26.17
N ALA B 107 -43.38 -6.42 -25.20
CA ALA B 107 -42.06 -6.84 -24.72
C ALA B 107 -41.94 -6.83 -23.19
N PRO B 108 -42.53 -7.82 -22.50
CA PRO B 108 -42.56 -7.81 -21.03
C PRO B 108 -41.27 -8.16 -20.32
N TYR B 109 -40.31 -8.78 -21.04
CA TYR B 109 -39.02 -9.17 -20.50
C TYR B 109 -37.95 -8.17 -20.90
N SER B 110 -37.26 -7.64 -19.91
CA SER B 110 -36.20 -6.68 -20.14
C SER B 110 -34.95 -7.06 -19.34
N GLU B 111 -33.83 -6.43 -19.68
CA GLU B 111 -32.58 -6.67 -19.02
C GLU B 111 -31.90 -5.35 -18.74
N ASP B 112 -31.10 -5.31 -17.67
CA ASP B 112 -30.27 -4.15 -17.30
CA ASP B 112 -30.31 -4.17 -17.32
C ASP B 112 -28.97 -4.65 -16.71
N TYR B 113 -28.00 -3.77 -16.65
CA TYR B 113 -26.66 -4.15 -16.34
C TYR B 113 -26.32 -3.58 -14.98
N HIS B 114 -25.72 -4.39 -14.12
CA HIS B 114 -25.40 -3.97 -12.76
C HIS B 114 -23.95 -4.22 -12.40
N LEU B 115 -23.46 -3.43 -11.46
CA LEU B 115 -22.23 -3.72 -10.76
C LEU B 115 -22.58 -4.03 -9.28
N GLY B 116 -22.25 -5.23 -8.83
CA GLY B 116 -22.43 -5.51 -7.41
C GLY B 116 -21.09 -5.54 -6.68
N LEU B 117 -21.08 -5.08 -5.44
CA LEU B 117 -19.94 -5.19 -4.55
C LEU B 117 -20.39 -5.84 -3.27
N TRP B 118 -19.55 -6.75 -2.77
CA TRP B 118 -19.76 -7.43 -1.50
C TRP B 118 -18.50 -7.32 -0.66
N VAL B 119 -18.67 -6.89 0.57
CA VAL B 119 -17.51 -6.83 1.47
C VAL B 119 -17.90 -7.52 2.76
N THR B 120 -17.12 -8.52 3.20
CA THR B 120 -17.46 -9.19 4.46
C THR B 120 -16.84 -8.46 5.64
N GLY B 121 -17.45 -8.64 6.80
CA GLY B 121 -16.99 -8.00 8.01
C GLY B 121 -16.80 -9.01 9.11
N LYS B 122 -17.18 -8.61 10.32
CA LYS B 122 -16.93 -9.42 11.49
C LYS B 122 -17.87 -10.60 11.49
N VAL B 124 -20.80 -12.75 12.62
CA VAL B 124 -22.10 -12.45 13.21
C VAL B 124 -22.08 -12.80 14.71
N SER B 125 -22.51 -11.87 15.54
CA SER B 125 -22.54 -12.09 16.99
C SER B 125 -23.63 -11.22 17.61
N ASN B 126 -23.89 -11.44 18.90
CA ASN B 126 -24.90 -10.68 19.64
C ASN B 126 -24.22 -9.70 20.58
N SER B 127 -22.99 -9.34 20.27
CA SER B 127 -22.22 -8.50 21.16
C SER B 127 -22.58 -7.03 20.92
N TRP B 128 -22.33 -6.17 21.92
CA TRP B 128 -22.60 -4.73 21.81
C TRP B 128 -21.74 -4.04 20.75
N ALA B 129 -22.35 -3.10 20.03
CA ALA B 129 -21.81 -2.41 18.85
C ALA B 129 -21.97 -3.27 17.60
N GLU B 133 -23.57 -0.96 12.81
CA GLU B 133 -23.91 -1.01 11.40
C GLU B 133 -23.69 0.33 10.70
N ASN B 134 -23.77 1.42 11.48
CA ASN B 134 -23.49 2.78 10.99
C ASN B 134 -22.09 2.91 10.40
N THR B 135 -21.09 2.45 11.14
CA THR B 135 -19.71 2.52 10.68
C THR B 135 -19.45 1.59 9.47
N SER B 136 -20.22 0.51 9.37
CA SER B 136 -20.12 -0.39 8.19
C SER B 136 -20.63 0.25 6.88
N VAL B 137 -21.75 0.98 6.95
CA VAL B 137 -22.31 1.67 5.77
C VAL B 137 -21.33 2.79 5.28
N TYR B 138 -20.59 3.42 6.26
CA TYR B 138 -19.57 4.53 6.02
C TYR B 138 -18.32 3.97 5.30
N GLU B 139 -17.86 2.68 5.61
CA GLU B 139 -16.73 2.07 4.98
C GLU B 139 -17.03 1.68 3.53
N LEU B 140 -18.23 1.15 3.33
CA LEU B 140 -18.68 0.74 2.00
C LEU B 140 -18.98 2.00 1.12
N LYS B 141 -19.51 3.02 1.80
CA LYS B 141 -19.80 4.34 1.18
C LYS B 141 -18.57 4.89 0.38
N ALA B 142 -17.38 4.70 0.99
CA ALA B 142 -16.10 5.20 0.36
C ALA B 142 -15.81 4.53 -1.03
N TYR B 143 -15.99 3.16 -1.07
CA TYR B 143 -15.76 2.45 -2.33
C TYR B 143 -16.76 2.96 -3.38
N VAL B 144 -18.01 3.17 -2.98
CA VAL B 144 -19.04 3.67 -3.89
C VAL B 144 -18.70 5.10 -4.34
N GLU B 145 -18.24 5.93 -3.40
CA GLU B 145 -17.93 7.34 -3.71
C GLU B 145 -16.81 7.42 -4.75
N ASN B 146 -15.82 6.55 -4.60
CA ASN B 146 -14.64 6.56 -5.48
C ASN B 146 -14.96 6.00 -6.85
N ILE B 147 -15.91 5.08 -6.89
CA ILE B 147 -16.47 4.63 -8.16
C ILE B 147 -17.17 5.79 -8.85
N PHE B 148 -18.04 6.49 -8.11
CA PHE B 148 -18.72 7.66 -8.69
C PHE B 148 -17.72 8.68 -9.25
N LYS B 149 -16.68 9.00 -8.49
CA LYS B 149 -15.65 9.94 -8.93
C LYS B 149 -14.97 9.48 -10.20
N ARG B 150 -14.72 8.16 -10.27
CA ARG B 150 -14.07 7.55 -11.42
C ARG B 150 -14.96 7.72 -12.65
N LEU B 151 -16.27 7.72 -12.45
CA LEU B 151 -17.21 7.89 -13.56
C LEU B 151 -17.44 9.36 -13.85
N GLY B 152 -16.77 10.25 -13.11
CA GLY B 152 -16.96 11.68 -13.32
C GLY B 152 -18.33 12.18 -12.89
N LEU B 153 -19.00 11.40 -12.05
CA LEU B 153 -20.32 11.79 -11.53
C LEU B 153 -20.17 12.88 -10.52
N ASP B 154 -21.08 13.85 -10.59
CA ASP B 154 -21.03 15.02 -9.74
C ASP B 154 -21.79 14.70 -8.46
N LEU B 155 -21.07 14.46 -7.37
CA LEU B 155 -21.64 14.04 -6.10
C LEU B 155 -22.75 14.98 -5.55
N HIS B 156 -22.58 16.28 -5.74
CA HIS B 156 -23.53 17.22 -5.16
C HIS B 156 -24.84 17.26 -5.95
N SER B 157 -24.84 16.60 -7.11
CA SER B 157 -26.07 16.45 -7.88
C SER B 157 -26.96 15.30 -7.37
N LEU B 158 -26.46 14.50 -6.44
CA LEU B 158 -27.17 13.26 -6.03
C LEU B 158 -28.05 13.47 -4.78
N VAL B 159 -29.11 12.70 -4.68
CA VAL B 159 -30.04 12.73 -3.55
C VAL B 159 -29.96 11.36 -2.84
N VAL B 160 -29.69 11.37 -1.54
CA VAL B 160 -29.40 10.17 -0.79
C VAL B 160 -30.52 9.90 0.20
N GLY B 161 -31.13 8.74 0.12
CA GLY B 161 -32.30 8.40 0.94
C GLY B 161 -31.94 7.28 1.89
N ASN B 162 -32.73 7.12 2.94
CA ASN B 162 -32.53 6.01 3.84
C ASN B 162 -33.40 4.83 3.43
N LEU B 163 -32.95 3.62 3.74
CA LEU B 163 -33.67 2.42 3.31
C LEU B 163 -33.43 1.30 4.31
N SER B 164 -34.49 0.54 4.54
CA SER B 164 -34.46 -0.70 5.31
C SER B 164 -35.51 -1.60 4.69
N ASP B 165 -35.15 -2.80 4.27
CA ASP B 165 -36.12 -3.71 3.61
C ASP B 165 -35.73 -5.16 3.85
N ASP B 166 -36.32 -6.11 3.12
CA ASP B 166 -35.97 -7.53 3.29
C ASP B 166 -34.52 -7.89 2.97
N ILE B 167 -33.82 -7.02 2.25
CA ILE B 167 -32.39 -7.27 1.96
C ILE B 167 -31.45 -6.58 2.99
N TYR B 168 -31.69 -5.30 3.28
CA TYR B 168 -30.83 -4.52 4.15
C TYR B 168 -31.45 -4.23 5.50
N SER B 169 -30.67 -4.39 6.56
CA SER B 169 -31.15 -3.90 7.88
C SER B 169 -31.02 -2.37 7.88
N THR B 170 -29.90 -1.88 7.35
CA THR B 170 -29.59 -0.44 7.24
C THR B 170 -28.98 -0.18 5.84
N ALA B 171 -29.49 0.83 5.15
CA ALA B 171 -29.05 1.11 3.78
C ALA B 171 -29.21 2.53 3.35
N LEU B 172 -28.48 2.90 2.31
CA LEU B 172 -28.65 4.19 1.65
C LEU B 172 -28.99 3.99 0.19
N THR B 173 -29.86 4.85 -0.33
CA THR B 173 -30.11 4.88 -1.78
C THR B 173 -29.50 6.14 -2.36
N VAL B 174 -29.04 6.05 -3.60
CA VAL B 174 -28.49 7.18 -4.29
C VAL B 174 -29.33 7.34 -5.52
N ASN B 175 -29.84 8.57 -5.72
CA ASN B 175 -30.83 8.85 -6.77
C ASN B 175 -30.51 10.13 -7.50
N THR B 176 -30.98 10.27 -8.72
CA THR B 176 -30.91 11.58 -9.39
C THR B 176 -31.95 12.50 -8.74
N LYS B 177 -31.86 13.79 -9.02
CA LYS B 177 -32.88 14.72 -8.54
C LYS B 177 -34.25 14.34 -9.05
N GLY B 178 -34.29 13.71 -10.22
CA GLY B 178 -35.53 13.22 -10.83
C GLY B 178 -36.15 12.01 -10.14
N GLY B 179 -35.41 11.37 -9.25
CA GLY B 179 -35.89 10.18 -8.53
C GLY B 179 -35.45 8.82 -9.07
N LYS B 180 -34.52 8.83 -10.03
CA LYS B 180 -34.04 7.64 -10.71
C LYS B 180 -32.94 7.00 -9.84
N ARG B 181 -33.08 5.71 -9.55
CA ARG B 181 -32.14 5.00 -8.69
C ARG B 181 -30.83 4.74 -9.41
N LEU B 182 -29.72 5.12 -8.77
CA LEU B 182 -28.39 4.91 -9.35
C LEU B 182 -27.59 3.87 -8.58
N ALA B 183 -27.84 3.79 -7.27
CA ALA B 183 -27.14 2.88 -6.42
C ALA B 183 -27.91 2.64 -5.13
N THR B 184 -27.69 1.48 -4.55
CA THR B 184 -28.24 1.12 -3.26
C THR B 184 -27.12 0.35 -2.53
N PHE B 185 -26.88 0.64 -1.26
CA PHE B 185 -25.82 -0.07 -0.54
C PHE B 185 -26.08 -0.04 0.94
N GLY B 186 -25.69 -1.11 1.62
CA GLY B 186 -25.90 -1.22 3.05
C GLY B 186 -25.56 -2.59 3.63
N VAL B 187 -26.06 -2.83 4.85
CA VAL B 187 -25.76 -4.03 5.63
C VAL B 187 -26.84 -5.03 5.32
N VAL B 188 -26.43 -6.23 4.90
CA VAL B 188 -27.38 -7.29 4.56
C VAL B 188 -28.04 -7.80 5.84
N THR B 189 -29.34 -8.08 5.81
CA THR B 189 -30.04 -8.59 7.00
C THR B 189 -29.43 -9.90 7.51
N LYS B 190 -29.40 -10.05 8.83
CA LYS B 190 -28.98 -11.28 9.49
C LYS B 190 -29.75 -12.52 9.01
N LYS B 191 -31.08 -12.39 8.86
CA LYS B 191 -31.92 -13.49 8.37
C LYS B 191 -31.37 -13.97 7.03
N LEU B 193 -28.22 -13.62 5.72
CA LEU B 193 -26.92 -14.27 5.87
C LEU B 193 -27.13 -15.73 6.28
N LYS B 194 -28.04 -15.93 7.24
CA LYS B 194 -28.32 -17.23 7.78
C LYS B 194 -28.84 -18.18 6.70
N ALA B 195 -29.82 -17.69 5.93
CA ALA B 195 -30.42 -18.51 4.88
C ALA B 195 -29.38 -18.93 3.85
N PHE B 196 -28.27 -18.18 3.74
CA PHE B 196 -27.20 -18.51 2.78
C PHE B 196 -25.96 -19.19 3.36
N ASP B 197 -25.99 -19.53 4.65
CA ASP B 197 -24.85 -20.16 5.33
C ASP B 197 -23.64 -19.24 5.36
N VAL B 198 -23.86 -17.94 5.53
CA VAL B 198 -22.79 -16.97 5.59
C VAL B 198 -22.65 -16.57 7.06
N ASP B 199 -21.46 -16.75 7.63
CA ASP B 199 -21.39 -16.49 9.08
CA ASP B 199 -21.10 -16.65 9.05
C ASP B 199 -20.63 -15.22 9.43
N ASN B 200 -20.39 -14.38 8.43
CA ASN B 200 -19.84 -13.04 8.64
C ASN B 200 -20.84 -12.01 8.13
N GLU B 201 -20.77 -10.82 8.67
CA GLU B 201 -21.58 -9.74 8.12
C GLU B 201 -21.17 -9.41 6.71
N VAL B 202 -22.14 -8.95 5.91
CA VAL B 202 -21.93 -8.64 4.49
C VAL B 202 -22.45 -7.25 4.18
N TYR B 203 -21.61 -6.44 3.57
CA TYR B 203 -22.01 -5.10 3.15
C TYR B 203 -22.04 -5.19 1.64
N TYR B 204 -23.17 -4.79 1.07
CA TYR B 204 -23.48 -5.05 -0.32
C TYR B 204 -23.89 -3.76 -1.00
N ALA B 205 -23.38 -3.55 -2.21
CA ALA B 205 -23.79 -2.39 -3.03
C ALA B 205 -24.27 -2.87 -4.39
N ASP B 206 -25.33 -2.25 -4.88
CA ASP B 206 -25.82 -2.53 -6.23
C ASP B 206 -25.83 -1.21 -6.96
N LEU B 207 -24.99 -1.06 -7.97
CA LEU B 207 -24.99 0.17 -8.76
C LEU B 207 -25.62 -0.15 -10.11
N ASN B 208 -26.58 0.68 -10.49
CA ASN B 208 -27.27 0.57 -11.76
C ASN B 208 -26.43 1.23 -12.85
N TRP B 209 -25.51 0.43 -13.38
CA TRP B 209 -24.45 0.88 -14.29
C TRP B 209 -24.92 1.70 -15.49
N LYS B 210 -25.93 1.22 -16.21
CA LYS B 210 -26.44 1.93 -17.40
C LYS B 210 -26.86 3.35 -17.03
N GLU B 211 -27.49 3.50 -15.86
CA GLU B 211 -27.95 4.82 -15.40
C GLU B 211 -26.80 5.76 -15.04
N LEU B 212 -25.63 5.18 -14.79
CA LEU B 212 -24.42 5.93 -14.48
C LEU B 212 -23.68 6.42 -15.74
N SER C 1 6.01 31.13 28.14
CA SER C 1 4.99 30.13 27.73
C SER C 1 5.01 29.91 26.20
N ASN C 2 4.44 28.80 25.74
CA ASN C 2 4.26 28.55 24.30
C ASN C 2 3.56 29.71 23.60
N ALA C 3 2.55 30.28 24.26
CA ALA C 3 1.80 31.40 23.69
C ALA C 3 2.68 32.66 23.59
N ASP C 4 3.55 32.86 24.57
CA ASP C 4 4.58 33.90 24.48
C ASP C 4 5.48 33.70 23.24
N LYS C 5 5.91 32.46 22.99
CA LYS C 5 6.75 32.14 21.82
C LYS C 5 6.01 32.32 20.48
N SER C 6 4.81 31.75 20.37
CA SER C 6 3.99 31.93 19.17
C SER C 6 3.80 33.41 18.92
N ASN C 7 3.48 34.17 19.97
CA ASN C 7 3.31 35.62 19.86
C ASN C 7 4.53 36.33 19.28
N LYS C 8 5.73 35.94 19.72
CA LYS C 8 6.96 36.56 19.22
C LYS C 8 7.24 36.21 17.76
N LEU C 9 7.16 34.93 17.40
CA LEU C 9 7.35 34.53 16.01
C LEU C 9 6.27 35.12 15.06
N GLN C 10 5.03 35.20 15.56
CA GLN C 10 3.94 35.80 14.81
C GLN C 10 4.29 37.27 14.47
N ASN C 11 4.78 38.01 15.47
CA ASN C 11 5.25 39.36 15.27
C ASN C 11 6.42 39.50 14.30
N LEU C 12 7.43 38.63 14.42
CA LEU C 12 8.54 38.66 13.46
C LEU C 12 8.05 38.44 12.02
N VAL C 13 7.21 37.44 11.81
CA VAL C 13 6.65 37.19 10.48
C VAL C 13 5.80 38.37 10.01
N ALA C 14 5.00 38.94 10.92
CA ALA C 14 4.09 40.03 10.51
C ALA C 14 4.88 41.25 10.06
N GLU C 15 5.98 41.54 10.76
CA GLU C 15 6.86 42.67 10.42
C GLU C 15 7.53 42.48 9.07
N GLN C 16 7.99 41.25 8.83
CA GLN C 16 8.65 40.84 7.60
C GLN C 16 7.69 40.98 6.39
N LEU C 17 6.47 40.49 6.56
CA LEU C 17 5.44 40.60 5.50
C LEU C 17 5.05 42.05 5.23
N VAL C 18 4.80 42.82 6.29
CA VAL C 18 4.52 44.23 6.19
C VAL C 18 5.65 44.98 5.45
N GLY C 19 6.89 44.62 5.77
CA GLY C 19 8.06 45.26 5.21
C GLY C 19 8.13 45.03 3.71
N CYS C 20 7.55 43.90 3.29
CA CYS C 20 7.50 43.47 1.92
C CYS C 20 6.23 43.98 1.23
N GLY C 21 5.42 44.78 1.92
CA GLY C 21 4.27 45.41 1.27
C GLY C 21 2.90 44.80 1.55
N PHE C 22 2.86 43.80 2.42
CA PHE C 22 1.58 43.21 2.83
C PHE C 22 0.82 44.14 3.78
N ASN C 23 -0.51 44.00 3.78
CA ASN C 23 -1.36 44.61 4.80
C ASN C 23 -1.99 43.51 5.65
N GLU C 24 -2.00 43.66 6.97
CA GLU C 24 -2.62 42.62 7.80
C GLU C 24 -4.12 42.86 7.77
N ILE C 25 -4.92 41.79 7.71
CA ILE C 25 -6.36 41.94 7.75
C ILE C 25 -6.92 41.13 8.92
N LEU C 26 -8.12 41.47 9.35
CA LEU C 26 -8.77 40.75 10.42
C LEU C 26 -10.24 40.57 10.08
N ASN C 27 -10.66 39.32 10.08
CA ASN C 27 -12.01 38.95 9.72
C ASN C 27 -12.64 38.13 10.85
N ASN C 28 -13.97 38.11 10.83
CA ASN C 28 -14.81 37.46 11.85
C ASN C 28 -14.56 35.98 11.91
N SER C 29 -14.55 35.43 13.12
CA SER C 29 -14.48 33.99 13.33
CA SER C 29 -14.50 33.98 13.23
C SER C 29 -15.88 33.37 13.00
N LEU C 30 -16.92 34.16 13.23
CA LEU C 30 -18.27 33.76 12.86
C LEU C 30 -18.39 33.85 11.35
N THR C 31 -18.99 32.84 10.74
CA THR C 31 -19.11 32.88 9.29
C THR C 31 -20.43 32.24 8.81
N ARG C 32 -20.59 32.08 7.49
CA ARG C 32 -21.81 31.54 6.89
C ARG C 32 -21.65 30.10 6.43
N ALA C 33 -22.55 29.22 6.89
CA ALA C 33 -22.52 27.82 6.48
C ALA C 33 -22.63 27.68 4.98
N ALA C 34 -23.37 28.57 4.33
CA ALA C 34 -23.50 28.57 2.87
C ALA C 34 -22.16 28.42 2.14
N TYR C 35 -21.11 29.04 2.67
CA TYR C 35 -19.78 29.03 2.04
C TYR C 35 -19.26 27.61 1.83
N TYR C 36 -19.59 26.74 2.76
CA TYR C 36 -19.05 25.38 2.83
C TYR C 36 -19.96 24.36 2.18
N ASP C 37 -21.13 24.79 1.69
CA ASP C 37 -22.07 23.90 1.00
C ASP C 37 -21.40 23.28 -0.23
N GLY C 38 -21.29 21.95 -0.22
CA GLY C 38 -20.77 21.21 -1.36
C GLY C 38 -19.26 21.04 -1.41
N LEU C 39 -18.53 21.75 -0.55
CA LEU C 39 -17.08 21.69 -0.59
C LEU C 39 -16.57 20.33 -0.14
N GLU C 40 -15.53 19.85 -0.82
CA GLU C 40 -14.88 18.62 -0.43
C GLU C 40 -13.77 18.93 0.57
N SER C 41 -12.99 19.98 0.29
CA SER C 41 -11.76 20.26 1.04
C SER C 41 -12.05 20.72 2.47
N TYR C 42 -13.14 21.47 2.64
CA TYR C 42 -13.59 21.83 3.98
C TYR C 42 -15.06 21.47 4.17
N PRO C 43 -15.32 20.18 4.48
CA PRO C 43 -16.70 19.68 4.43
C PRO C 43 -17.64 20.38 5.39
N SER C 44 -18.84 20.65 4.88
CA SER C 44 -19.95 21.22 5.65
C SER C 44 -20.20 20.37 6.89
N LYS C 45 -20.06 19.05 6.74
CA LYS C 45 -20.26 18.10 7.82
C LYS C 45 -19.31 18.34 9.00
N ASN C 46 -18.16 19.00 8.74
CA ASN C 46 -17.20 19.30 9.81
C ASN C 46 -17.32 20.70 10.43
N LEU C 47 -18.40 21.43 10.17
CA LEU C 47 -18.51 22.79 10.75
C LEU C 47 -18.96 22.68 12.19
N VAL C 48 -18.48 23.58 13.01
CA VAL C 48 -19.02 23.82 14.33
C VAL C 48 -20.23 24.76 14.14
N LEU C 50 -23.80 26.63 14.92
CA LEU C 50 -24.50 27.24 16.03
C LEU C 50 -25.98 26.93 15.96
N LEU C 51 -26.65 27.03 17.11
CA LEU C 51 -28.05 26.63 17.27
C LEU C 51 -28.96 27.43 16.35
N ASN C 52 -29.98 26.79 15.83
CA ASN C 52 -30.96 27.46 14.98
C ASN C 52 -30.28 28.16 13.79
N PRO C 53 -29.49 27.39 13.03
CA PRO C 53 -28.69 27.96 11.95
C PRO C 53 -29.53 28.60 10.84
N LEU C 54 -30.77 28.17 10.66
CA LEU C 54 -31.67 28.78 9.66
C LEU C 54 -32.13 30.20 10.03
N SER C 55 -31.95 30.57 11.28
CA SER C 55 -32.40 31.86 11.78
C SER C 55 -31.25 32.84 12.07
N ALA C 56 -30.09 32.57 11.50
CA ALA C 56 -28.96 33.45 11.65
C ALA C 56 -28.13 33.46 10.37
N ASP C 57 -27.87 34.67 9.89
CA ASP C 57 -26.93 34.89 8.81
C ASP C 57 -25.56 34.24 9.14
N LEU C 58 -24.97 34.62 10.26
CA LEU C 58 -23.71 34.03 10.66
C LEU C 58 -24.09 32.95 11.63
N ASN C 59 -23.89 31.71 11.20
CA ASN C 59 -24.47 30.57 11.91
C ASN C 59 -23.49 29.44 12.20
N CYS C 60 -22.19 29.70 12.08
CA CYS C 60 -21.13 28.66 12.33
C CYS C 60 -19.76 29.31 12.52
N ARG C 62 -15.77 29.56 11.44
CA ARG C 62 -14.95 29.33 10.26
C ARG C 62 -14.02 28.12 10.47
N GLN C 63 -13.91 27.29 9.42
CA GLN C 63 -12.91 26.18 9.31
C GLN C 63 -11.61 26.66 8.61
N THR C 64 -11.72 27.74 7.82
CA THR C 64 -10.60 28.24 7.03
C THR C 64 -10.65 29.76 6.97
N LEU C 65 -9.48 30.38 6.91
CA LEU C 65 -9.38 31.83 6.73
C LEU C 65 -9.66 32.28 5.29
N LEU C 66 -9.76 31.34 4.34
CA LEU C 66 -9.84 31.71 2.92
C LEU C 66 -10.93 32.74 2.61
N PHE C 67 -12.16 32.45 3.02
CA PHE C 67 -13.32 33.22 2.62
C PHE C 67 -13.33 34.65 3.10
N GLY C 68 -12.83 34.89 4.32
CA GLY C 68 -12.72 36.24 4.86
C GLY C 68 -11.76 37.08 4.04
N GLY C 69 -10.67 36.47 3.57
CA GLY C 69 -9.72 37.15 2.69
C GLY C 69 -10.30 37.49 1.33
N LEU C 70 -11.13 36.62 0.79
CA LEU C 70 -11.76 36.90 -0.50
C LEU C 70 -12.76 38.02 -0.34
N GLU C 71 -13.52 38.02 0.76
CA GLU C 71 -14.35 39.16 1.11
C GLU C 71 -13.52 40.43 1.19
N SER C 72 -12.37 40.37 1.86
CA SER C 72 -11.50 41.54 1.98
C SER C 72 -10.96 42.05 0.62
N ILE C 73 -10.60 41.13 -0.25
CA ILE C 73 -10.14 41.47 -1.60
C ILE C 73 -11.25 42.19 -2.39
N ALA C 74 -12.45 41.62 -2.43
CA ALA C 74 -13.60 42.26 -3.06
C ALA C 74 -13.78 43.70 -2.58
N HIS C 75 -13.69 43.89 -1.27
CA HIS C 75 -13.98 45.19 -0.64
C HIS C 75 -12.93 46.29 -0.89
N ASN C 76 -11.72 45.90 -1.30
CA ASN C 76 -10.72 46.86 -1.75
C ASN C 76 -10.75 47.06 -3.26
N ASP C 83 -2.77 45.49 -7.17
CA ASP C 83 -2.10 44.28 -6.67
C ASP C 83 -2.08 44.22 -5.15
N LEU C 84 -3.03 43.51 -4.60
CA LEU C 84 -3.20 43.48 -3.16
C LEU C 84 -2.34 42.38 -2.59
N LYS C 85 -1.82 42.61 -1.38
CA LYS C 85 -1.14 41.56 -0.63
C LYS C 85 -1.61 41.64 0.81
N PHE C 86 -2.25 40.56 1.26
CA PHE C 86 -2.90 40.51 2.54
C PHE C 86 -2.39 39.31 3.31
N PHE C 87 -2.42 39.42 4.63
CA PHE C 87 -2.18 38.27 5.53
C PHE C 87 -3.04 38.39 6.77
N GLU C 88 -3.32 37.24 7.39
CA GLU C 88 -4.15 37.14 8.57
C GLU C 88 -3.72 35.95 9.42
N PHE C 89 -3.46 36.19 10.71
CA PHE C 89 -3.31 35.10 11.66
C PHE C 89 -4.65 34.91 12.33
N GLY C 90 -5.09 33.67 12.48
CA GLY C 90 -6.36 33.47 13.19
C GLY C 90 -6.75 32.04 13.43
N ASN C 91 -7.55 31.83 14.46
CA ASN C 91 -8.07 30.52 14.80
C ASN C 91 -9.09 30.03 13.78
N CYS C 92 -9.03 28.73 13.50
CA CYS C 92 -10.06 28.04 12.75
C CYS C 92 -10.63 26.92 13.62
N TYR C 93 -11.83 26.46 13.29
CA TYR C 93 -12.60 25.55 14.13
C TYR C 93 -13.15 24.40 13.29
N HIS C 94 -13.08 23.17 13.78
CA HIS C 94 -13.81 22.04 13.15
C HIS C 94 -14.00 20.84 14.08
N PHE C 95 -15.01 20.02 13.79
CA PHE C 95 -15.21 18.72 14.44
C PHE C 95 -14.55 17.60 13.62
N TYR C 109 -13.04 17.76 18.12
CA TYR C 109 -12.97 19.23 18.14
C TYR C 109 -11.56 19.77 18.06
N SER C 110 -11.38 20.74 17.17
CA SER C 110 -10.09 21.36 16.99
C SER C 110 -10.20 22.86 16.84
N GLU C 111 -9.29 23.54 17.51
CA GLU C 111 -8.99 24.93 17.26
C GLU C 111 -7.56 24.89 16.82
N ASP C 112 -7.30 25.40 15.62
CA ASP C 112 -5.95 25.43 15.12
C ASP C 112 -5.68 26.81 14.60
N TYR C 113 -4.50 27.32 14.91
CA TYR C 113 -4.19 28.69 14.55
C TYR C 113 -3.59 28.62 13.16
N HIS C 114 -3.99 29.52 12.26
CA HIS C 114 -3.51 29.45 10.89
C HIS C 114 -2.97 30.79 10.48
N LEU C 115 -2.08 30.78 9.49
CA LEU C 115 -1.68 32.01 8.81
C LEU C 115 -2.13 31.95 7.34
N GLY C 116 -2.93 32.93 6.94
CA GLY C 116 -3.38 33.00 5.55
C GLY C 116 -2.66 34.13 4.83
N LEU C 117 -2.34 33.89 3.56
CA LEU C 117 -1.75 34.91 2.71
CA LEU C 117 -1.61 34.81 2.71
C LEU C 117 -2.47 34.97 1.41
N TRP C 118 -2.78 36.20 0.98
CA TRP C 118 -3.50 36.39 -0.27
C TRP C 118 -2.71 37.35 -1.13
N VAL C 119 -2.45 36.97 -2.39
CA VAL C 119 -1.73 37.83 -3.30
C VAL C 119 -2.50 37.86 -4.62
N THR C 120 -2.94 39.03 -5.05
CA THR C 120 -3.60 39.13 -6.36
C THR C 120 -2.59 39.36 -7.51
N GLY C 121 -3.04 39.03 -8.72
CA GLY C 121 -2.28 39.25 -9.95
C GLY C 121 -3.19 38.99 -11.16
N SER C 125 3.64 40.97 -17.50
CA SER C 125 3.00 41.39 -18.73
C SER C 125 2.95 40.24 -19.72
N ASN C 126 2.65 40.59 -20.98
CA ASN C 126 2.60 39.67 -22.09
C ASN C 126 3.71 39.98 -23.10
N SER C 127 4.33 41.14 -22.95
CA SER C 127 5.37 41.55 -23.89
C SER C 127 6.68 40.84 -23.51
N TRP C 128 7.47 40.44 -24.51
CA TRP C 128 8.61 39.51 -24.28
C TRP C 128 9.63 39.97 -23.25
N ALA C 129 9.93 41.27 -23.25
CA ALA C 129 10.92 41.86 -22.34
C ALA C 129 10.64 41.56 -20.86
N HIS C 130 9.37 41.53 -20.47
CA HIS C 130 8.99 41.42 -19.05
C HIS C 130 8.76 39.97 -18.58
N THR C 135 2.78 37.03 -14.32
CA THR C 135 2.19 36.67 -13.03
C THR C 135 2.19 35.16 -12.79
N SER C 136 2.40 34.74 -11.54
CA SER C 136 2.36 33.31 -11.16
C SER C 136 2.48 33.08 -9.65
N VAL C 137 2.46 31.81 -9.28
CA VAL C 137 2.54 31.34 -7.89
C VAL C 137 3.95 31.41 -7.27
N TYR C 138 4.97 31.64 -8.11
CA TYR C 138 6.36 31.61 -7.66
C TYR C 138 6.67 32.63 -6.56
N GLU C 139 6.10 33.82 -6.68
CA GLU C 139 6.33 34.83 -5.67
C GLU C 139 5.67 34.41 -4.35
N LEU C 140 4.51 33.77 -4.43
CA LEU C 140 3.86 33.31 -3.19
C LEU C 140 4.74 32.25 -2.50
N LYS C 141 5.25 31.31 -3.29
CA LYS C 141 6.20 30.30 -2.80
C LYS C 141 7.38 30.91 -2.03
N ALA C 142 7.98 31.96 -2.62
CA ALA C 142 9.08 32.70 -2.01
C ALA C 142 8.71 33.30 -0.64
N TYR C 143 7.54 33.93 -0.54
CA TYR C 143 7.07 34.42 0.75
C TYR C 143 6.93 33.25 1.76
N VAL C 144 6.36 32.13 1.32
CA VAL C 144 6.19 30.98 2.21
C VAL C 144 7.57 30.41 2.67
N GLU C 145 8.50 30.33 1.72
CA GLU C 145 9.79 29.78 2.02
C GLU C 145 10.47 30.69 3.04
N ASN C 146 10.31 32.00 2.88
CA ASN C 146 10.91 32.97 3.81
C ASN C 146 10.30 32.90 5.21
N ILE C 147 9.03 32.50 5.27
CA ILE C 147 8.39 32.25 6.57
C ILE C 147 8.98 30.98 7.21
N PHE C 148 9.04 29.89 6.45
CA PHE C 148 9.63 28.64 6.94
C PHE C 148 11.02 28.88 7.52
N LYS C 149 11.85 29.64 6.80
CA LYS C 149 13.17 29.97 7.28
C LYS C 149 13.19 30.83 8.54
N ARG C 150 12.36 31.87 8.58
CA ARG C 150 12.21 32.69 9.79
C ARG C 150 11.93 31.79 11.00
N LEU C 151 11.21 30.68 10.76
CA LEU C 151 10.79 29.76 11.83
C LEU C 151 11.76 28.60 12.04
N GLY C 152 12.90 28.61 11.36
CA GLY C 152 13.91 27.55 11.52
C GLY C 152 13.47 26.17 11.05
N LEU C 153 12.47 26.13 10.17
CA LEU C 153 12.02 24.88 9.59
C LEU C 153 13.08 24.36 8.60
N ASP C 154 13.46 23.10 8.73
CA ASP C 154 14.41 22.51 7.78
C ASP C 154 13.73 22.15 6.47
N LEU C 155 14.02 22.95 5.44
CA LEU C 155 13.45 22.79 4.09
C LEU C 155 13.71 21.42 3.48
N HIS C 156 14.88 20.84 3.80
CA HIS C 156 15.34 19.60 3.16
C HIS C 156 14.61 18.34 3.62
N SER C 157 13.87 18.44 4.72
CA SER C 157 13.07 17.35 5.25
C SER C 157 11.61 17.38 4.76
N LEU C 158 11.27 18.32 3.88
CA LEU C 158 9.88 18.51 3.48
C LEU C 158 9.44 17.67 2.28
N VAL C 159 8.20 17.20 2.33
CA VAL C 159 7.60 16.43 1.23
C VAL C 159 6.52 17.28 0.56
N VAL C 160 6.65 17.47 -0.74
CA VAL C 160 5.75 18.31 -1.50
C VAL C 160 4.88 17.44 -2.38
N GLY C 161 3.60 17.79 -2.47
CA GLY C 161 2.65 17.08 -3.31
C GLY C 161 1.82 18.06 -4.12
N ASN C 162 1.13 17.55 -5.12
CA ASN C 162 0.24 18.41 -5.90
C ASN C 162 -1.19 18.33 -5.42
N LEU C 163 -1.98 19.35 -5.72
CA LEU C 163 -3.37 19.39 -5.29
C LEU C 163 -4.21 20.19 -6.28
N SER C 164 -5.37 19.63 -6.63
CA SER C 164 -6.40 20.35 -7.36
C SER C 164 -7.76 20.07 -6.70
N ASP C 165 -8.52 21.12 -6.38
CA ASP C 165 -9.83 20.95 -5.72
C ASP C 165 -10.76 22.15 -5.90
N ASP C 166 -11.85 22.19 -5.12
CA ASP C 166 -12.80 23.31 -5.17
C ASP C 166 -12.19 24.65 -4.77
N ILE C 167 -11.04 24.61 -4.11
CA ILE C 167 -10.35 25.85 -3.77
C ILE C 167 -9.25 26.19 -4.77
N TYR C 168 -8.37 25.24 -5.07
CA TYR C 168 -7.23 25.50 -5.93
C TYR C 168 -7.40 24.85 -7.29
N SER C 169 -7.15 25.62 -8.35
CA SER C 169 -7.08 25.03 -9.68
C SER C 169 -5.79 24.24 -9.73
N THR C 170 -4.71 24.83 -9.21
CA THR C 170 -3.49 24.09 -9.03
CA THR C 170 -3.41 24.17 -9.01
C THR C 170 -2.81 24.55 -7.69
N ALA C 171 -2.26 23.59 -6.95
CA ALA C 171 -1.58 23.91 -5.68
C ALA C 171 -0.48 22.93 -5.32
N LEU C 172 0.41 23.36 -4.43
CA LEU C 172 1.37 22.46 -3.78
C LEU C 172 0.97 22.28 -2.34
N THR C 173 1.15 21.07 -1.84
CA THR C 173 0.95 20.79 -0.43
C THR C 173 2.32 20.59 0.14
N VAL C 174 2.52 21.00 1.39
CA VAL C 174 3.78 20.84 2.03
C VAL C 174 3.57 20.09 3.33
N ASN C 175 4.21 18.93 3.41
CA ASN C 175 4.12 18.07 4.57
C ASN C 175 5.47 17.88 5.23
N THR C 176 5.42 17.48 6.49
CA THR C 176 6.56 16.91 7.18
C THR C 176 6.85 15.52 6.59
N LYS C 177 8.06 14.99 6.83
CA LYS C 177 8.40 13.60 6.50
C LYS C 177 7.27 12.64 6.88
N GLY C 178 6.84 12.71 8.14
CA GLY C 178 5.81 11.81 8.68
C GLY C 178 4.40 12.01 8.12
N GLY C 179 4.18 13.11 7.42
CA GLY C 179 2.91 13.32 6.72
C GLY C 179 1.95 14.39 7.24
N LYS C 180 2.35 15.12 8.30
CA LYS C 180 1.51 16.21 8.85
C LYS C 180 1.54 17.43 7.95
N ARG C 181 0.37 17.96 7.60
CA ARG C 181 0.27 19.08 6.71
C ARG C 181 0.79 20.36 7.39
N LEU C 182 1.77 20.98 6.75
CA LEU C 182 2.33 22.24 7.27
C LEU C 182 1.84 23.45 6.50
N ALA C 183 1.59 23.30 5.20
CA ALA C 183 1.13 24.42 4.37
C ALA C 183 0.54 23.90 3.07
N THR C 184 -0.29 24.73 2.47
CA THR C 184 -0.86 24.50 1.14
C THR C 184 -0.85 25.87 0.47
N PHE C 185 -0.45 25.94 -0.79
CA PHE C 185 -0.48 27.24 -1.50
C PHE C 185 -0.63 27.05 -3.00
N GLY C 186 -1.38 27.93 -3.65
CA GLY C 186 -1.57 27.84 -5.09
C GLY C 186 -2.60 28.83 -5.61
N VAL C 187 -3.21 28.50 -6.74
CA VAL C 187 -4.08 29.40 -7.49
C VAL C 187 -5.52 29.06 -7.16
N VAL C 188 -6.28 30.03 -6.70
CA VAL C 188 -7.68 29.80 -6.34
C VAL C 188 -8.49 29.61 -7.64
N THR C 189 -9.44 28.67 -7.66
CA THR C 189 -10.28 28.44 -8.85
C THR C 189 -10.97 29.73 -9.25
N LYS C 190 -11.13 29.92 -10.55
CA LYS C 190 -11.86 31.07 -11.09
C LYS C 190 -13.32 31.06 -10.60
N LYS C 191 -13.87 29.85 -10.42
CA LYS C 191 -15.22 29.69 -9.87
C LYS C 191 -15.36 30.28 -8.47
N LEU C 193 -13.52 32.47 -6.98
CA LEU C 193 -13.35 33.91 -7.08
C LEU C 193 -14.61 34.60 -7.60
N LYS C 194 -15.26 33.98 -8.59
CA LYS C 194 -16.58 34.43 -9.11
C LYS C 194 -17.62 34.56 -8.00
N ALA C 195 -17.65 33.56 -7.12
CA ALA C 195 -18.61 33.54 -6.01
C ALA C 195 -18.45 34.78 -5.12
N PHE C 196 -17.21 35.18 -4.86
CA PHE C 196 -16.95 36.37 -4.01
C PHE C 196 -16.77 37.71 -4.73
N ASP C 197 -17.19 37.78 -5.99
CA ASP C 197 -17.08 39.01 -6.78
C ASP C 197 -15.64 39.44 -6.99
N VAL C 198 -14.72 38.47 -7.05
CA VAL C 198 -13.31 38.81 -7.21
C VAL C 198 -12.84 38.53 -8.63
N ASP C 199 -12.31 39.55 -9.28
CA ASP C 199 -11.75 39.43 -10.62
C ASP C 199 -10.29 38.92 -10.60
N ASN C 200 -9.73 38.76 -11.80
CA ASN C 200 -8.36 38.31 -11.99
C ASN C 200 -7.89 37.12 -11.13
N GLU C 201 -6.64 37.14 -10.69
CA GLU C 201 -6.06 35.97 -10.10
C GLU C 201 -5.83 36.23 -8.62
N VAL C 202 -5.98 35.17 -7.84
CA VAL C 202 -5.65 35.22 -6.41
C VAL C 202 -4.78 34.03 -6.14
N TYR C 203 -3.63 34.31 -5.54
CA TYR C 203 -2.77 33.25 -5.05
C TYR C 203 -2.92 33.23 -3.53
N TYR C 204 -3.21 32.06 -3.01
CA TYR C 204 -3.54 31.89 -1.61
C TYR C 204 -2.66 30.83 -0.97
N ALA C 205 -2.19 31.14 0.24
CA ALA C 205 -1.42 30.20 1.05
C ALA C 205 -2.07 30.07 2.41
N ASP C 206 -2.16 28.84 2.92
CA ASP C 206 -2.63 28.57 4.28
C ASP C 206 -1.54 27.79 4.99
N LEU C 207 -0.94 28.39 6.02
CA LEU C 207 0.14 27.73 6.79
C LEU C 207 -0.46 27.29 8.10
N ASN C 208 -0.21 26.04 8.49
CA ASN C 208 -0.73 25.57 9.75
C ASN C 208 0.25 25.96 10.86
N TRP C 209 0.04 27.18 11.34
CA TRP C 209 0.94 27.83 12.29
C TRP C 209 1.23 26.96 13.49
N LYS C 210 0.18 26.40 14.07
CA LYS C 210 0.29 25.55 15.24
C LYS C 210 1.29 24.43 14.97
N GLU C 211 1.17 23.78 13.82
CA GLU C 211 2.10 22.72 13.43
C GLU C 211 3.52 23.22 13.15
N LEU C 212 3.71 24.51 12.92
CA LEU C 212 5.06 25.01 12.68
C LEU C 212 5.78 25.44 13.96
N ASP D 4 17.23 2.77 -2.10
CA ASP D 4 16.05 3.39 -2.77
C ASP D 4 16.20 3.26 -4.28
N LYS D 5 17.43 3.52 -4.75
CA LYS D 5 17.79 3.30 -6.15
C LYS D 5 17.53 1.84 -6.50
N SER D 6 18.07 0.94 -5.68
CA SER D 6 17.87 -0.50 -5.84
C SER D 6 16.39 -0.83 -5.85
N ASN D 7 15.70 -0.39 -4.80
CA ASN D 7 14.29 -0.69 -4.58
C ASN D 7 13.39 -0.20 -5.71
N LYS D 8 13.56 1.05 -6.14
CA LYS D 8 12.78 1.59 -7.26
C LYS D 8 13.11 0.83 -8.55
N LEU D 9 14.40 0.61 -8.81
CA LEU D 9 14.82 -0.12 -10.01
C LEU D 9 14.41 -1.60 -9.99
N GLN D 10 14.36 -2.21 -8.80
CA GLN D 10 13.79 -3.57 -8.66
C GLN D 10 12.32 -3.62 -9.06
N ASN D 11 11.56 -2.62 -8.59
CA ASN D 11 10.13 -2.49 -8.93
C ASN D 11 9.92 -2.35 -10.44
N LEU D 12 10.71 -1.48 -11.05
CA LEU D 12 10.64 -1.19 -12.48
C LEU D 12 10.99 -2.41 -13.33
N VAL D 13 12.13 -3.03 -13.05
CA VAL D 13 12.52 -4.29 -13.69
C VAL D 13 11.47 -5.41 -13.54
N ALA D 14 10.85 -5.51 -12.36
CA ALA D 14 9.78 -6.48 -12.17
C ALA D 14 8.53 -6.18 -13.04
N GLU D 15 8.04 -4.94 -13.00
CA GLU D 15 6.90 -4.52 -13.83
C GLU D 15 7.15 -4.79 -15.32
N GLN D 16 8.36 -4.49 -15.76
CA GLN D 16 8.79 -4.70 -17.12
C GLN D 16 8.75 -6.19 -17.48
N LEU D 17 9.22 -7.02 -16.55
CA LEU D 17 9.29 -8.44 -16.82
C LEU D 17 7.91 -9.12 -16.80
N VAL D 18 7.05 -8.67 -15.88
CA VAL D 18 5.66 -9.15 -15.79
C VAL D 18 4.94 -8.77 -17.09
N GLY D 19 5.17 -7.54 -17.55
CA GLY D 19 4.63 -7.06 -18.82
C GLY D 19 5.10 -7.90 -19.99
N CYS D 20 6.19 -8.65 -19.81
CA CYS D 20 6.69 -9.55 -20.86
C CYS D 20 6.23 -11.00 -20.66
N GLY D 21 5.32 -11.20 -19.70
CA GLY D 21 4.78 -12.53 -19.39
C GLY D 21 5.59 -13.35 -18.40
N PHE D 22 6.42 -12.68 -17.60
CA PHE D 22 7.18 -13.37 -16.55
C PHE D 22 6.34 -13.57 -15.30
N ASN D 23 6.61 -14.64 -14.57
CA ASN D 23 6.11 -14.83 -13.21
C ASN D 23 7.29 -14.68 -12.25
N GLU D 24 7.07 -13.93 -11.18
CA GLU D 24 8.05 -13.78 -10.13
C GLU D 24 7.95 -14.93 -9.12
N ILE D 25 9.08 -15.59 -8.87
CA ILE D 25 9.12 -16.69 -7.90
C ILE D 25 9.91 -16.32 -6.64
N LEU D 26 9.74 -17.16 -5.62
CA LEU D 26 10.44 -17.04 -4.35
C LEU D 26 10.89 -18.42 -3.89
N ASN D 27 12.19 -18.61 -3.78
CA ASN D 27 12.72 -19.87 -3.29
C ASN D 27 13.46 -19.68 -1.98
N ASN D 28 13.54 -20.75 -1.18
CA ASN D 28 14.19 -20.66 0.10
C ASN D 28 15.71 -20.41 -0.04
N SER D 29 16.26 -19.64 0.88
CA SER D 29 17.69 -19.43 0.93
C SER D 29 18.41 -20.66 1.48
N LEU D 30 17.73 -21.45 2.32
CA LEU D 30 18.25 -22.71 2.81
C LEU D 30 18.27 -23.72 1.66
N THR D 31 19.39 -24.43 1.52
CA THR D 31 19.58 -25.28 0.37
C THR D 31 20.42 -26.55 0.68
N ARG D 32 20.67 -27.36 -0.35
CA ARG D 32 21.40 -28.62 -0.18
C ARG D 32 22.82 -28.50 -0.64
N ALA D 33 23.76 -28.77 0.27
CA ALA D 33 25.18 -28.78 -0.09
C ALA D 33 25.50 -29.71 -1.25
N ALA D 34 24.78 -30.83 -1.34
CA ALA D 34 25.05 -31.84 -2.38
C ALA D 34 24.89 -31.32 -3.81
N TYR D 35 24.01 -30.34 -4.00
CA TYR D 35 23.84 -29.70 -5.31
C TYR D 35 25.16 -29.17 -5.82
N TYR D 36 26.05 -28.79 -4.90
CA TYR D 36 27.33 -28.18 -5.26
C TYR D 36 28.48 -29.19 -5.32
N ASP D 37 28.26 -30.43 -4.86
CA ASP D 37 29.30 -31.47 -4.94
C ASP D 37 29.86 -31.53 -6.36
N GLY D 38 31.16 -31.30 -6.48
CA GLY D 38 31.86 -31.42 -7.75
C GLY D 38 31.89 -30.20 -8.64
N LEU D 39 31.12 -29.15 -8.29
CA LEU D 39 31.01 -27.95 -9.14
C LEU D 39 32.28 -27.08 -9.18
N GLU D 40 32.53 -26.48 -10.34
CA GLU D 40 33.67 -25.58 -10.54
C GLU D 40 33.27 -24.11 -10.43
N SER D 41 32.07 -23.78 -10.92
CA SER D 41 31.61 -22.39 -11.00
C SER D 41 31.10 -21.87 -9.65
N TYR D 42 30.44 -22.75 -8.91
CA TYR D 42 30.04 -22.47 -7.52
C TYR D 42 30.56 -23.58 -6.63
N PRO D 43 31.86 -23.51 -6.28
CA PRO D 43 32.52 -24.62 -5.58
C PRO D 43 32.04 -24.81 -4.15
N SER D 44 31.97 -26.08 -3.76
CA SER D 44 31.62 -26.49 -2.40
C SER D 44 32.40 -25.76 -1.34
N LYS D 45 33.71 -25.60 -1.55
CA LYS D 45 34.58 -24.93 -0.58
C LYS D 45 34.15 -23.47 -0.31
N ASN D 46 33.41 -22.85 -1.22
CA ASN D 46 32.88 -21.51 -0.99
C ASN D 46 31.46 -21.46 -0.44
N LEU D 47 30.94 -22.61 -0.01
CA LEU D 47 29.60 -22.68 0.58
C LEU D 47 29.60 -22.21 2.02
N VAL D 48 28.55 -21.45 2.37
CA VAL D 48 28.29 -21.09 3.75
C VAL D 48 27.52 -22.23 4.36
N LEU D 50 26.21 -24.89 7.37
CA LEU D 50 25.57 -24.76 8.66
C LEU D 50 26.11 -25.83 9.61
N LEU D 51 25.89 -25.63 10.91
CA LEU D 51 26.35 -26.56 11.95
C LEU D 51 25.71 -27.95 11.86
N ASN D 52 26.47 -28.99 12.22
CA ASN D 52 26.06 -30.40 12.09
C ASN D 52 25.35 -30.66 10.77
N PRO D 53 26.05 -30.46 9.64
CA PRO D 53 25.43 -30.52 8.31
C PRO D 53 25.08 -31.92 7.83
N LEU D 54 25.62 -32.95 8.49
CA LEU D 54 25.29 -34.35 8.21
C LEU D 54 23.89 -34.73 8.66
N SER D 55 23.40 -34.06 9.69
CA SER D 55 22.11 -34.40 10.29
C SER D 55 20.92 -33.61 9.71
N ALA D 56 21.17 -32.74 8.73
CA ALA D 56 20.12 -31.88 8.19
C ALA D 56 20.11 -32.01 6.67
N ASP D 57 18.93 -32.07 6.07
CA ASP D 57 18.82 -32.09 4.61
C ASP D 57 19.20 -30.73 3.99
N LEU D 58 18.59 -29.67 4.52
CA LEU D 58 18.95 -28.32 4.14
C LEU D 58 20.07 -27.98 5.08
N ASN D 59 21.28 -27.84 4.56
CA ASN D 59 22.43 -27.76 5.44
C ASN D 59 23.42 -26.66 5.10
N CYS D 60 23.03 -25.75 4.21
CA CYS D 60 23.88 -24.66 3.79
C CYS D 60 23.00 -23.55 3.21
N ARG D 62 22.37 -20.84 0.06
CA ARG D 62 22.54 -20.90 -1.39
C ARG D 62 23.67 -19.99 -1.83
N GLN D 63 24.47 -20.50 -2.77
CA GLN D 63 25.56 -19.74 -3.39
C GLN D 63 25.08 -19.17 -4.74
N THR D 64 24.08 -19.81 -5.34
CA THR D 64 23.45 -19.39 -6.60
C THR D 64 21.92 -19.50 -6.50
N LEU D 65 21.20 -18.70 -7.29
CA LEU D 65 19.74 -18.81 -7.36
C LEU D 65 19.30 -19.95 -8.24
N LEU D 66 20.23 -20.45 -9.04
CA LEU D 66 19.88 -21.33 -10.15
C LEU D 66 19.05 -22.55 -9.72
N PHE D 67 19.50 -23.23 -8.67
CA PHE D 67 18.96 -24.54 -8.33
C PHE D 67 17.54 -24.43 -7.85
N GLY D 68 17.25 -23.40 -7.06
CA GLY D 68 15.89 -23.11 -6.66
C GLY D 68 14.96 -22.97 -7.88
N GLY D 69 15.47 -22.34 -8.94
CA GLY D 69 14.64 -22.08 -10.12
C GLY D 69 14.33 -23.38 -10.82
N LEU D 70 15.32 -24.25 -10.93
CA LEU D 70 15.12 -25.58 -11.50
C LEU D 70 14.08 -26.40 -10.71
N GLU D 71 14.16 -26.35 -9.38
CA GLU D 71 13.15 -27.00 -8.52
C GLU D 71 11.73 -26.47 -8.82
N SER D 72 11.59 -25.15 -8.97
CA SER D 72 10.29 -24.55 -9.27
C SER D 72 9.74 -25.02 -10.62
N ILE D 73 10.61 -25.07 -11.62
CA ILE D 73 10.22 -25.51 -12.96
C ILE D 73 9.77 -26.96 -12.88
N ALA D 74 10.64 -27.81 -12.33
CA ALA D 74 10.36 -29.22 -12.18
C ALA D 74 9.04 -29.45 -11.44
N HIS D 75 8.76 -28.60 -10.46
CA HIS D 75 7.57 -28.80 -9.64
C HIS D 75 6.31 -28.19 -10.25
N ASN D 76 6.45 -27.42 -11.34
CA ASN D 76 5.30 -26.68 -11.90
C ASN D 76 4.35 -27.61 -12.68
N ALA D 77 3.07 -27.58 -12.29
CA ALA D 77 2.02 -28.39 -12.95
C ALA D 77 1.96 -28.21 -14.47
N ASN D 78 2.31 -27.02 -14.95
CA ASN D 78 2.22 -26.66 -16.37
C ASN D 78 3.56 -26.73 -17.13
N ARG D 79 4.55 -27.39 -16.52
CA ARG D 79 5.93 -27.39 -17.04
C ARG D 79 6.06 -28.03 -18.43
N ALA D 82 6.09 -25.45 -21.23
CA ALA D 82 7.11 -25.00 -22.18
C ALA D 82 7.12 -23.47 -22.32
N ASP D 83 6.26 -22.82 -21.56
CA ASP D 83 5.99 -21.40 -21.72
C ASP D 83 6.33 -20.63 -20.43
N LEU D 84 7.25 -21.18 -19.64
CA LEU D 84 7.62 -20.62 -18.34
C LEU D 84 8.66 -19.52 -18.44
N LYS D 85 8.33 -18.36 -17.87
CA LYS D 85 9.31 -17.30 -17.64
C LYS D 85 9.18 -16.88 -16.18
N PHE D 86 10.25 -17.14 -15.42
CA PHE D 86 10.35 -16.92 -13.98
C PHE D 86 11.49 -15.95 -13.71
N PHE D 87 11.35 -15.09 -12.71
CA PHE D 87 12.45 -14.28 -12.24
C PHE D 87 12.44 -14.22 -10.74
N GLU D 88 13.63 -14.08 -10.16
CA GLU D 88 13.75 -14.04 -8.71
C GLU D 88 14.83 -13.06 -8.31
N PHE D 89 14.48 -12.14 -7.43
CA PHE D 89 15.46 -11.30 -6.75
C PHE D 89 15.80 -11.95 -5.41
N GLY D 90 17.08 -12.10 -5.10
CA GLY D 90 17.42 -12.74 -3.87
C GLY D 90 18.86 -12.68 -3.47
N ASN D 91 19.08 -12.75 -2.16
CA ASN D 91 20.41 -12.90 -1.61
C ASN D 91 21.02 -14.28 -1.81
N CYS D 92 22.29 -14.25 -2.19
CA CYS D 92 23.13 -15.45 -2.18
C CYS D 92 24.26 -15.26 -1.16
N TYR D 93 24.89 -16.37 -0.77
CA TYR D 93 25.89 -16.36 0.28
C TYR D 93 27.19 -17.05 -0.16
N HIS D 94 28.32 -16.50 0.29
CA HIS D 94 29.63 -16.91 -0.21
C HIS D 94 30.64 -16.90 0.96
N PHE D 95 31.48 -17.93 1.02
CA PHE D 95 32.58 -18.02 1.97
C PHE D 95 33.91 -17.90 1.25
N ASP D 96 34.79 -17.05 1.75
CA ASP D 96 36.12 -16.82 1.19
C ASP D 96 37.16 -17.76 1.81
N ALA D 107 36.23 -9.89 6.76
CA ALA D 107 34.98 -10.65 6.66
C ALA D 107 35.08 -11.74 5.60
N PRO D 108 35.18 -13.02 6.03
CA PRO D 108 35.17 -14.16 5.09
C PRO D 108 33.81 -14.48 4.47
N TYR D 109 32.71 -14.10 5.13
CA TYR D 109 31.37 -14.39 4.62
C TYR D 109 30.81 -13.17 3.94
N SER D 110 30.06 -13.38 2.86
CA SER D 110 29.40 -12.28 2.19
C SER D 110 28.00 -12.62 1.70
N GLU D 111 27.16 -11.60 1.66
CA GLU D 111 25.81 -11.73 1.18
C GLU D 111 25.69 -10.78 -0.01
N ASP D 112 25.26 -11.31 -1.15
CA ASP D 112 25.10 -10.53 -2.36
C ASP D 112 23.71 -10.72 -2.94
N TYR D 113 23.24 -9.71 -3.65
CA TYR D 113 21.89 -9.73 -4.16
C TYR D 113 21.94 -10.02 -5.66
N HIS D 114 21.13 -10.98 -6.10
CA HIS D 114 21.11 -11.38 -7.51
C HIS D 114 19.72 -11.32 -8.09
N LEU D 115 19.66 -11.09 -9.39
CA LEU D 115 18.45 -11.29 -10.18
C LEU D 115 18.66 -12.49 -11.10
N GLY D 116 17.85 -13.52 -10.92
CA GLY D 116 17.93 -14.68 -11.79
C GLY D 116 16.76 -14.68 -12.76
N LEU D 117 16.99 -15.12 -14.00
CA LEU D 117 15.90 -15.29 -14.94
C LEU D 117 15.89 -16.72 -15.43
N TRP D 118 14.70 -17.28 -15.58
CA TRP D 118 14.55 -18.61 -16.16
C TRP D 118 13.51 -18.57 -17.26
N VAL D 119 13.90 -18.97 -18.46
CA VAL D 119 13.03 -19.05 -19.61
C VAL D 119 13.03 -20.50 -20.12
N THR D 120 11.87 -21.14 -20.16
CA THR D 120 11.81 -22.51 -20.67
C THR D 120 11.41 -22.50 -22.13
N GLY D 121 11.92 -23.48 -22.87
CA GLY D 121 11.49 -23.70 -24.26
C GLY D 121 11.40 -25.19 -24.60
N SER D 125 9.74 -25.11 -34.40
CA SER D 125 9.09 -26.36 -34.72
C SER D 125 9.83 -27.05 -35.86
N ASN D 126 9.22 -28.10 -36.42
CA ASN D 126 9.78 -28.79 -37.59
C ASN D 126 10.11 -27.84 -38.74
N SER D 127 9.22 -26.90 -38.99
CA SER D 127 9.06 -26.38 -40.34
C SER D 127 10.03 -25.28 -40.73
N TRP D 128 10.28 -25.20 -42.04
CA TRP D 128 11.14 -24.19 -42.61
C TRP D 128 10.64 -22.79 -42.30
N ALA D 129 9.35 -22.55 -42.54
CA ALA D 129 8.76 -21.23 -42.25
C ALA D 129 9.01 -20.81 -40.80
N HIS D 130 8.85 -21.74 -39.87
CA HIS D 130 8.84 -21.39 -38.46
C HIS D 130 10.07 -21.87 -37.68
N ALA D 131 11.20 -21.94 -38.38
CA ALA D 131 12.46 -22.28 -37.76
C ALA D 131 12.90 -21.16 -36.80
N ASP D 132 12.44 -19.94 -37.05
CA ASP D 132 12.77 -18.78 -36.20
C ASP D 132 12.03 -18.72 -34.86
N GLU D 133 11.46 -19.85 -34.44
CA GLU D 133 10.96 -20.06 -33.07
C GLU D 133 10.87 -21.56 -32.78
N THR D 135 12.14 -20.38 -29.62
CA THR D 135 12.93 -20.85 -28.47
C THR D 135 14.43 -20.86 -28.74
N SER D 136 15.12 -19.85 -28.21
CA SER D 136 16.56 -19.75 -28.29
C SER D 136 17.10 -18.93 -27.13
N VAL D 137 18.41 -19.00 -26.93
CA VAL D 137 19.11 -18.19 -25.93
C VAL D 137 18.92 -16.69 -26.20
N TYR D 138 18.66 -16.35 -27.46
CA TYR D 138 18.64 -14.95 -27.87
C TYR D 138 17.42 -14.19 -27.37
N GLU D 139 16.36 -14.92 -27.09
CA GLU D 139 15.18 -14.38 -26.44
C GLU D 139 15.53 -13.99 -25.01
N LEU D 140 16.38 -14.78 -24.37
CA LEU D 140 16.90 -14.42 -23.06
C LEU D 140 17.82 -13.20 -23.14
N LYS D 141 18.72 -13.18 -24.13
CA LYS D 141 19.66 -12.08 -24.31
C LYS D 141 18.93 -10.76 -24.50
N ALA D 142 17.81 -10.81 -25.23
CA ALA D 142 16.93 -9.67 -25.41
C ALA D 142 16.33 -9.20 -24.09
N TYR D 143 15.80 -10.14 -23.30
CA TYR D 143 15.33 -9.82 -21.95
C TYR D 143 16.41 -9.16 -21.13
N VAL D 144 17.64 -9.68 -21.22
CA VAL D 144 18.78 -9.16 -20.47
C VAL D 144 19.16 -7.76 -20.95
N GLU D 145 19.28 -7.60 -22.27
CA GLU D 145 19.58 -6.29 -22.85
C GLU D 145 18.55 -5.25 -22.43
N ASN D 146 17.27 -5.61 -22.51
CA ASN D 146 16.20 -4.70 -22.06
C ASN D 146 16.26 -4.33 -20.59
N ILE D 147 16.74 -5.26 -19.75
CA ILE D 147 17.02 -4.92 -18.35
C ILE D 147 18.22 -3.94 -18.32
N PHE D 148 19.26 -4.25 -19.08
CA PHE D 148 20.43 -3.39 -19.16
C PHE D 148 20.05 -1.96 -19.59
N LYS D 149 19.20 -1.83 -20.60
CA LYS D 149 18.80 -0.51 -21.09
C LYS D 149 17.95 0.20 -20.04
N ARG D 150 17.06 -0.54 -19.36
CA ARG D 150 16.23 0.06 -18.30
C ARG D 150 17.06 0.55 -17.10
N LEU D 151 18.26 -0.01 -16.93
CA LEU D 151 19.17 0.42 -15.85
C LEU D 151 20.14 1.50 -16.33
N GLY D 152 20.05 1.85 -17.61
CA GLY D 152 20.85 2.94 -18.15
C GLY D 152 22.27 2.52 -18.35
N LEU D 153 22.45 1.24 -18.67
CA LEU D 153 23.76 0.69 -18.89
C LEU D 153 24.27 1.09 -20.27
N ASP D 154 25.53 1.49 -20.31
CA ASP D 154 26.19 1.78 -21.59
C ASP D 154 26.63 0.49 -22.26
N LEU D 155 25.83 0.05 -23.24
CA LEU D 155 26.10 -1.18 -24.00
C LEU D 155 27.49 -1.28 -24.66
N HIS D 156 28.10 -0.15 -25.03
CA HIS D 156 29.42 -0.13 -25.69
C HIS D 156 30.59 -0.26 -24.71
N SER D 157 30.29 -0.16 -23.40
CA SER D 157 31.29 -0.33 -22.35
C SER D 157 31.53 -1.80 -22.06
N LEU D 158 30.59 -2.64 -22.46
CA LEU D 158 30.57 -4.04 -22.06
C LEU D 158 31.61 -4.91 -22.75
N VAL D 159 32.29 -5.71 -21.94
CA VAL D 159 33.26 -6.71 -22.39
C VAL D 159 32.60 -8.08 -22.22
N VAL D 160 32.25 -8.71 -23.34
CA VAL D 160 31.54 -10.00 -23.26
C VAL D 160 32.47 -11.15 -23.63
N GLY D 161 32.44 -12.19 -22.81
CA GLY D 161 33.31 -13.36 -22.94
C GLY D 161 32.48 -14.62 -23.05
N ASN D 162 33.14 -15.74 -23.31
CA ASN D 162 32.44 -17.00 -23.55
C ASN D 162 32.61 -18.00 -22.43
N LEU D 163 31.56 -18.77 -22.16
CA LEU D 163 31.57 -19.71 -21.05
C LEU D 163 30.93 -21.01 -21.45
N SER D 164 31.65 -22.08 -21.15
CA SER D 164 31.11 -23.43 -21.21
C SER D 164 31.41 -24.08 -19.88
N ASP D 165 30.34 -24.49 -19.20
CA ASP D 165 30.40 -24.72 -17.77
C ASP D 165 29.80 -26.07 -17.40
N ASP D 166 29.98 -26.43 -16.14
CA ASP D 166 29.18 -27.44 -15.46
C ASP D 166 27.70 -27.04 -15.35
N ILE D 167 27.42 -25.74 -15.44
CA ILE D 167 26.04 -25.25 -15.45
C ILE D 167 25.58 -24.96 -16.89
N TYR D 168 26.46 -24.39 -17.70
CA TYR D 168 26.07 -23.94 -19.03
C TYR D 168 26.77 -24.73 -20.10
N SER D 169 26.03 -25.30 -21.05
CA SER D 169 26.68 -25.87 -22.26
C SER D 169 27.36 -24.75 -23.10
N THR D 170 26.63 -23.67 -23.33
CA THR D 170 27.23 -22.41 -23.80
C THR D 170 26.60 -21.24 -23.05
N ALA D 171 27.35 -20.16 -22.93
CA ALA D 171 26.89 -18.99 -22.21
C ALA D 171 27.83 -17.82 -22.44
N LEU D 172 27.33 -16.63 -22.17
CA LEU D 172 28.11 -15.39 -22.22
C LEU D 172 28.27 -14.82 -20.82
N THR D 173 29.49 -14.35 -20.53
CA THR D 173 29.81 -13.52 -19.38
C THR D 173 29.87 -12.07 -19.82
N VAL D 174 29.48 -11.17 -18.92
CA VAL D 174 29.39 -9.75 -19.24
C VAL D 174 30.11 -8.99 -18.15
N ASN D 175 31.15 -8.28 -18.53
CA ASN D 175 31.97 -7.54 -17.60
C ASN D 175 32.07 -6.07 -17.97
N THR D 176 32.34 -5.23 -16.97
CA THR D 176 32.67 -3.82 -17.20
C THR D 176 34.03 -3.73 -17.90
N LYS D 177 34.37 -2.56 -18.42
CA LYS D 177 35.70 -2.33 -18.96
C LYS D 177 36.72 -2.47 -17.81
N GLY D 178 36.26 -2.22 -16.59
CA GLY D 178 37.10 -2.31 -15.39
C GLY D 178 37.27 -3.72 -14.82
N GLY D 179 36.41 -4.64 -15.23
CA GLY D 179 36.60 -6.06 -14.87
C GLY D 179 35.58 -6.67 -13.93
N LYS D 180 34.63 -5.88 -13.42
CA LYS D 180 33.61 -6.43 -12.56
C LYS D 180 32.58 -7.24 -13.36
N ARG D 181 32.26 -8.43 -12.88
CA ARG D 181 31.23 -9.26 -13.50
C ARG D 181 29.84 -8.63 -13.32
N LEU D 182 29.15 -8.39 -14.42
CA LEU D 182 27.80 -7.86 -14.35
C LEU D 182 26.75 -8.92 -14.53
N ALA D 183 27.05 -9.91 -15.36
CA ALA D 183 26.06 -10.91 -15.71
C ALA D 183 26.66 -12.16 -16.33
N THR D 184 25.93 -13.25 -16.19
CA THR D 184 26.17 -14.48 -16.91
C THR D 184 24.83 -14.96 -17.40
N PHE D 185 24.77 -15.40 -18.66
CA PHE D 185 23.55 -16.03 -19.17
C PHE D 185 23.79 -17.05 -20.29
N GLY D 186 22.99 -18.10 -20.31
CA GLY D 186 23.03 -19.08 -21.39
C GLY D 186 22.12 -20.27 -21.23
N VAL D 187 22.61 -21.41 -21.71
CA VAL D 187 21.81 -22.63 -21.86
C VAL D 187 22.30 -23.65 -20.84
N VAL D 188 21.41 -24.05 -19.95
CA VAL D 188 21.76 -24.98 -18.89
C VAL D 188 22.08 -26.35 -19.53
N THR D 189 23.14 -27.01 -19.06
CA THR D 189 23.46 -28.37 -19.54
C THR D 189 22.28 -29.32 -19.32
N LYS D 190 22.10 -30.26 -20.23
CA LYS D 190 21.03 -31.23 -20.16
C LYS D 190 21.21 -32.14 -18.93
N LYS D 191 22.46 -32.47 -18.66
CA LYS D 191 22.84 -33.20 -17.44
C LYS D 191 22.26 -32.54 -16.18
N LEU D 193 19.89 -30.43 -15.99
CA LEU D 193 18.43 -30.53 -16.12
C LEU D 193 17.92 -31.92 -15.76
N LYS D 194 18.66 -32.96 -16.15
CA LYS D 194 18.31 -34.33 -15.82
C LYS D 194 18.38 -34.51 -14.31
N ALA D 195 19.50 -34.10 -13.71
CA ALA D 195 19.66 -34.06 -12.24
C ALA D 195 18.45 -33.49 -11.49
N PHE D 196 17.81 -32.47 -12.06
CA PHE D 196 16.66 -31.81 -11.40
C PHE D 196 15.27 -32.16 -11.92
N ASP D 197 15.18 -33.21 -12.75
CA ASP D 197 13.90 -33.68 -13.29
C ASP D 197 13.20 -32.64 -14.14
N VAL D 198 13.97 -31.97 -15.01
CA VAL D 198 13.42 -30.97 -15.94
C VAL D 198 13.75 -31.43 -17.34
N ASP D 199 12.74 -31.40 -18.22
CA ASP D 199 12.85 -32.04 -19.52
C ASP D 199 13.08 -31.05 -20.64
N ASN D 200 12.33 -29.96 -20.60
CA ASN D 200 12.36 -28.96 -21.64
C ASN D 200 13.52 -28.02 -21.40
N GLU D 201 14.09 -27.49 -22.49
CA GLU D 201 15.24 -26.58 -22.44
C GLU D 201 15.05 -25.45 -21.46
N VAL D 202 16.14 -25.04 -20.81
CA VAL D 202 16.14 -23.91 -19.87
C VAL D 202 17.27 -22.91 -20.13
N TYR D 203 16.89 -21.65 -20.26
CA TYR D 203 17.84 -20.57 -20.47
C TYR D 203 17.85 -19.79 -19.19
N TYR D 204 19.05 -19.62 -18.63
CA TYR D 204 19.24 -19.02 -17.30
C TYR D 204 20.16 -17.80 -17.36
N ALA D 205 19.76 -16.73 -16.68
CA ALA D 205 20.57 -15.52 -16.55
C ALA D 205 20.77 -15.21 -15.08
N ASP D 206 22.00 -14.91 -14.69
CA ASP D 206 22.31 -14.48 -13.33
C ASP D 206 22.82 -13.04 -13.44
N LEU D 207 22.05 -12.10 -12.90
CA LEU D 207 22.45 -10.69 -12.96
C LEU D 207 22.95 -10.24 -11.62
N ASN D 208 24.18 -9.75 -11.60
CA ASN D 208 24.82 -9.22 -10.40
C ASN D 208 24.32 -7.85 -10.00
N TRP D 209 23.18 -7.85 -9.31
CA TRP D 209 22.40 -6.64 -9.07
C TRP D 209 23.14 -5.45 -8.47
N LYS D 210 24.01 -5.69 -7.49
CA LYS D 210 24.73 -4.58 -6.86
C LYS D 210 25.63 -3.83 -7.83
N GLU D 211 26.23 -4.57 -8.76
CA GLU D 211 27.17 -4.05 -9.76
C GLU D 211 26.50 -3.30 -10.92
N LEU D 212 25.19 -3.44 -11.03
CA LEU D 212 24.44 -2.72 -12.05
C LEU D 212 23.92 -1.36 -11.55
#